data_6LE3
#
_entry.id   6LE3
#
_cell.length_a   55.424
_cell.length_b   55.484
_cell.length_c   79.158
_cell.angle_alpha   100.509
_cell.angle_beta   105.662
_cell.angle_gamma   97.988
#
_symmetry.space_group_name_H-M   'P 1'
#
loop_
_entity.id
_entity.type
_entity.pdbx_description
1 polymer 'Gluconate 5-dehydrogenase'
2 non-polymer 'ACETYL GROUP'
3 water water
#
_entity_poly.entity_id   1
_entity_poly.type   'polypeptide(L)'
_entity_poly.pdbx_seq_one_letter_code
;MGSSHHHHHHMTGNTHLFDLSGKVACITGASSGLGRRAALTLAAAGAKVVGVARRADALDNLCAEIGPAAAAVVADVASR
DGLERTVADISAPFGAPDILVHAAGVNTREAADDVTFNGWDQTLALNLSAPFFLSKAFVPEMRKKGWGRIVNFASLQTTR
AFPGGIAYGATKGGIAQLTRAMAEAWSPDGITANAIGPGFFPTELTAAVFEDDARAARNAAQTCIGRNGTLSDMDGPILF
LCSDASAYVTGQVLMVDGGFTAK
;
_entity_poly.pdbx_strand_id   E,F,G,H
#
# COMPACT_ATOMS: atom_id res chain seq x y z
N HIS A 16 2.70 -19.41 26.84
CA HIS A 16 1.40 -19.00 27.37
C HIS A 16 0.76 -17.91 26.49
N LEU A 17 1.59 -17.14 25.78
CA LEU A 17 1.07 -16.19 24.80
C LEU A 17 0.32 -16.91 23.68
N PHE A 18 0.77 -18.11 23.32
CA PHE A 18 0.23 -18.85 22.20
C PHE A 18 -0.60 -20.05 22.63
N ASP A 19 -0.96 -20.13 23.91
CA ASP A 19 -1.77 -21.23 24.41
C ASP A 19 -3.25 -20.93 24.18
N LEU A 20 -3.94 -21.88 23.54
CA LEU A 20 -5.35 -21.72 23.23
C LEU A 20 -6.25 -22.62 24.07
N SER A 21 -5.74 -23.12 25.20
CA SER A 21 -6.57 -23.92 26.11
C SER A 21 -7.78 -23.12 26.58
N GLY A 22 -8.95 -23.75 26.53
CA GLY A 22 -10.18 -23.09 26.89
C GLY A 22 -10.82 -22.26 25.80
N LYS A 23 -10.24 -22.22 24.60
CA LYS A 23 -10.81 -21.48 23.49
C LYS A 23 -11.43 -22.46 22.49
N VAL A 24 -12.45 -21.99 21.78
CA VAL A 24 -13.10 -22.75 20.73
C VAL A 24 -12.88 -22.01 19.40
N ALA A 25 -12.44 -22.77 18.39
CA ALA A 25 -12.20 -22.27 17.04
C ALA A 25 -13.13 -22.94 16.04
N CYS A 26 -13.67 -22.14 15.12
CA CYS A 26 -14.34 -22.63 13.93
C CYS A 26 -13.49 -22.31 12.70
N ILE A 27 -13.24 -23.31 11.86
CA ILE A 27 -12.49 -23.15 10.62
C ILE A 27 -13.39 -23.56 9.48
N THR A 28 -13.66 -22.62 8.57
CA THR A 28 -14.36 -22.98 7.36
C THR A 28 -13.36 -23.48 6.33
N GLY A 29 -13.87 -24.20 5.34
CA GLY A 29 -12.99 -24.87 4.39
C GLY A 29 -12.02 -25.85 5.03
N ALA A 30 -12.45 -26.54 6.09
CA ALA A 30 -11.50 -27.29 6.91
C ALA A 30 -11.16 -28.66 6.34
N SER A 31 -11.76 -29.06 5.23
CA SER A 31 -11.57 -30.43 4.79
C SER A 31 -10.34 -30.63 3.92
N SER A 32 -9.69 -29.54 3.50
CA SER A 32 -8.49 -29.66 2.68
C SER A 32 -7.57 -28.46 2.92
N GLY A 33 -6.34 -28.59 2.44
CA GLY A 33 -5.38 -27.51 2.38
C GLY A 33 -5.20 -26.69 3.64
N LEU A 34 -5.38 -25.37 3.46
CA LEU A 34 -5.00 -24.42 4.50
C LEU A 34 -5.99 -24.44 5.66
N GLY A 35 -7.29 -24.55 5.39
CA GLY A 35 -8.24 -24.69 6.48
C GLY A 35 -7.96 -25.94 7.32
N ARG A 36 -7.68 -27.06 6.66
CA ARG A 36 -7.34 -28.29 7.38
C ARG A 36 -6.12 -28.10 8.26
N ARG A 37 -5.05 -27.51 7.70
CA ARG A 37 -3.83 -27.32 8.48
C ARG A 37 -4.07 -26.35 9.63
N ALA A 38 -4.88 -25.32 9.41
CA ALA A 38 -5.26 -24.41 10.48
C ALA A 38 -5.96 -25.13 11.61
N ALA A 39 -6.88 -26.04 11.28
CA ALA A 39 -7.55 -26.83 12.31
C ALA A 39 -6.55 -27.64 13.12
N LEU A 40 -5.62 -28.32 12.43
CA LEU A 40 -4.58 -29.09 13.13
C LEU A 40 -3.76 -28.19 14.05
N THR A 41 -3.34 -27.02 13.55
CA THR A 41 -2.50 -26.13 14.33
C THR A 41 -3.21 -25.62 15.58
N LEU A 42 -4.45 -25.17 15.43
CA LEU A 42 -5.17 -24.63 16.58
C LEU A 42 -5.47 -25.73 17.59
N ALA A 43 -5.79 -26.94 17.12
CA ALA A 43 -6.00 -28.05 18.04
C ALA A 43 -4.72 -28.39 18.79
N ALA A 44 -3.58 -28.40 18.08
CA ALA A 44 -2.31 -28.70 18.75
C ALA A 44 -1.97 -27.67 19.79
N ALA A 45 -2.46 -26.44 19.65
CA ALA A 45 -2.24 -25.40 20.65
C ALA A 45 -3.26 -25.44 21.78
N GLY A 46 -4.13 -26.45 21.81
CA GLY A 46 -5.05 -26.67 22.91
C GLY A 46 -6.49 -26.25 22.70
N ALA A 47 -6.85 -25.72 21.53
CA ALA A 47 -8.22 -25.31 21.26
C ALA A 47 -9.09 -26.51 20.86
N LYS A 48 -10.37 -26.42 21.20
CA LYS A 48 -11.38 -27.23 20.52
C LYS A 48 -11.64 -26.62 19.16
N VAL A 49 -11.71 -27.45 18.11
CA VAL A 49 -11.91 -26.94 16.76
C VAL A 49 -13.16 -27.57 16.15
N VAL A 50 -13.93 -26.75 15.42
CA VAL A 50 -15.04 -27.21 14.60
C VAL A 50 -14.67 -26.96 13.16
N GLY A 51 -14.48 -28.06 12.41
CA GLY A 51 -14.24 -27.96 10.99
C GLY A 51 -15.54 -27.89 10.23
N VAL A 52 -15.64 -26.94 9.31
CA VAL A 52 -16.84 -26.76 8.50
C VAL A 52 -16.47 -27.10 7.07
N ALA A 53 -17.28 -27.94 6.44
CA ALA A 53 -17.08 -28.25 5.02
C ALA A 53 -18.39 -28.77 4.43
N ARG A 54 -18.40 -28.91 3.11
CA ARG A 54 -19.59 -29.44 2.43
C ARG A 54 -19.74 -30.96 2.55
N ARG A 55 -18.63 -31.72 2.58
CA ARG A 55 -18.66 -33.18 2.47
C ARG A 55 -18.10 -33.84 3.74
N ALA A 56 -18.91 -34.74 4.33
CA ALA A 56 -18.71 -35.19 5.71
C ALA A 56 -17.40 -35.95 5.88
N ASP A 57 -17.06 -36.73 4.88
CA ASP A 57 -16.03 -37.77 4.93
C ASP A 57 -14.60 -37.21 5.06
N ALA A 58 -14.26 -36.13 4.35
CA ALA A 58 -12.96 -35.51 4.59
C ALA A 58 -12.92 -34.90 6.00
N LEU A 59 -14.02 -34.30 6.43
CA LEU A 59 -14.08 -33.80 7.81
C LEU A 59 -13.86 -34.92 8.80
N ASP A 60 -14.37 -36.12 8.50
CA ASP A 60 -14.21 -37.24 9.41
C ASP A 60 -12.76 -37.68 9.46
N ASN A 61 -12.10 -37.71 8.31
CA ASN A 61 -10.66 -37.95 8.29
C ASN A 61 -9.92 -36.96 9.19
N LEU A 62 -10.24 -35.67 9.04
CA LEU A 62 -9.60 -34.63 9.85
C LEU A 62 -9.86 -34.86 11.34
N CYS A 63 -11.10 -35.15 11.69
CA CYS A 63 -11.47 -35.35 13.09
C CYS A 63 -10.77 -36.56 13.67
N ALA A 64 -10.60 -37.62 12.87
CA ALA A 64 -9.85 -38.79 13.33
C ALA A 64 -8.40 -38.42 13.59
N GLU A 65 -7.79 -37.67 12.67
CA GLU A 65 -6.41 -37.24 12.90
C GLU A 65 -6.30 -36.40 14.17
N ILE A 66 -7.29 -35.55 14.45
CA ILE A 66 -7.18 -34.67 15.60
C ILE A 66 -7.58 -35.39 16.88
N GLY A 67 -8.67 -36.15 16.86
CA GLY A 67 -9.19 -36.78 18.05
C GLY A 67 -10.29 -35.98 18.72
N PRO A 68 -10.48 -36.20 20.03
CA PRO A 68 -11.68 -35.67 20.71
C PRO A 68 -11.74 -34.17 20.82
N ALA A 69 -10.69 -33.42 20.48
CA ALA A 69 -10.85 -31.97 20.47
C ALA A 69 -11.54 -31.46 19.22
N ALA A 70 -11.76 -32.31 18.21
CA ALA A 70 -12.34 -31.93 16.93
C ALA A 70 -13.80 -32.33 16.79
N ALA A 71 -14.62 -31.42 16.29
CA ALA A 71 -15.95 -31.74 15.79
C ALA A 71 -16.08 -31.29 14.33
N ALA A 72 -16.98 -31.92 13.60
CA ALA A 72 -17.19 -31.68 12.17
C ALA A 72 -18.61 -31.19 11.93
N VAL A 73 -18.76 -30.17 11.09
CA VAL A 73 -20.06 -29.66 10.68
C VAL A 73 -20.12 -29.59 9.15
N VAL A 74 -21.17 -30.18 8.58
CA VAL A 74 -21.42 -30.17 7.15
C VAL A 74 -22.33 -28.99 6.82
N ALA A 75 -21.85 -28.07 5.99
CA ALA A 75 -22.67 -26.91 5.65
C ALA A 75 -22.09 -26.21 4.44
N ASP A 76 -22.97 -25.53 3.68
CA ASP A 76 -22.56 -24.57 2.65
C ASP A 76 -22.58 -23.17 3.25
N VAL A 77 -21.40 -22.65 3.63
CA VAL A 77 -21.35 -21.35 4.32
C VAL A 77 -21.75 -20.18 3.43
N ALA A 78 -21.84 -20.39 2.12
CA ALA A 78 -22.38 -19.36 1.25
C ALA A 78 -23.91 -19.35 1.23
N SER A 79 -24.57 -20.37 1.80
CA SER A 79 -26.03 -20.46 1.75
C SER A 79 -26.68 -19.48 2.72
N ARG A 80 -27.50 -18.58 2.18
CA ARG A 80 -28.19 -17.62 3.02
C ARG A 80 -29.27 -18.30 3.87
N ASP A 81 -30.06 -19.17 3.25
CA ASP A 81 -31.02 -19.98 3.99
C ASP A 81 -30.36 -20.79 5.10
N GLY A 82 -29.17 -21.32 4.83
CA GLY A 82 -28.53 -22.22 5.78
C GLY A 82 -27.89 -21.54 6.98
N LEU A 83 -27.80 -20.21 6.98
CA LEU A 83 -26.94 -19.51 7.93
C LEU A 83 -27.31 -19.80 9.38
N GLU A 84 -28.58 -19.63 9.75
CA GLU A 84 -29.00 -19.86 11.13
C GLU A 84 -28.65 -21.27 11.59
N ARG A 85 -28.94 -22.26 10.75
CA ARG A 85 -28.65 -23.64 11.10
C ARG A 85 -27.15 -23.92 11.15
N THR A 86 -26.40 -23.38 10.18
CA THR A 86 -24.94 -23.48 10.19
C THR A 86 -24.37 -22.96 11.49
N VAL A 87 -24.87 -21.82 11.95
CA VAL A 87 -24.37 -21.23 13.20
C VAL A 87 -24.70 -22.13 14.38
N ALA A 88 -25.94 -22.60 14.45
CA ALA A 88 -26.34 -23.50 15.54
C ALA A 88 -25.45 -24.73 15.57
N ASP A 89 -25.27 -25.37 14.42
CA ASP A 89 -24.47 -26.59 14.36
C ASP A 89 -23.02 -26.34 14.74
N ILE A 90 -22.46 -25.19 14.34
CA ILE A 90 -21.11 -24.86 14.75
C ILE A 90 -21.04 -24.71 16.27
N SER A 91 -22.03 -24.06 16.87
CA SER A 91 -22.01 -23.82 18.31
C SER A 91 -22.31 -25.08 19.14
N ALA A 92 -22.88 -26.14 18.54
CA ALA A 92 -23.40 -27.24 19.34
C ALA A 92 -22.32 -28.01 20.11
N PRO A 93 -21.28 -28.58 19.47
CA PRO A 93 -20.38 -29.49 20.22
C PRO A 93 -19.64 -28.84 21.39
N PHE A 94 -19.09 -27.64 21.21
CA PHE A 94 -18.22 -27.06 22.22
C PHE A 94 -18.68 -25.69 22.71
N GLY A 95 -19.86 -25.24 22.31
CA GLY A 95 -20.27 -23.88 22.62
C GLY A 95 -19.92 -22.91 21.49
N ALA A 96 -20.23 -21.64 21.73
CA ALA A 96 -19.95 -20.59 20.76
C ALA A 96 -18.44 -20.44 20.56
N PRO A 97 -17.96 -20.36 19.32
CA PRO A 97 -16.52 -20.20 19.09
C PRO A 97 -15.99 -18.83 19.50
N ASP A 98 -14.73 -18.84 19.94
CA ASP A 98 -13.95 -17.64 20.21
C ASP A 98 -13.11 -17.21 19.01
N ILE A 99 -12.79 -18.15 18.12
CA ILE A 99 -11.89 -17.92 17.00
C ILE A 99 -12.62 -18.34 15.73
N LEU A 100 -12.51 -17.53 14.69
CA LEU A 100 -13.16 -17.83 13.43
C LEU A 100 -12.09 -17.70 12.37
N VAL A 101 -11.83 -18.78 11.64
CA VAL A 101 -10.85 -18.79 10.57
C VAL A 101 -11.59 -19.08 9.26
N HIS A 102 -11.65 -18.08 8.38
CA HIS A 102 -12.44 -18.17 7.13
C HIS A 102 -11.56 -18.62 5.97
N ALA A 103 -11.28 -19.92 5.94
CA ALA A 103 -10.44 -20.46 4.88
C ALA A 103 -11.23 -20.96 3.68
N ALA A 104 -12.57 -20.93 3.71
CA ALA A 104 -13.34 -21.32 2.54
C ALA A 104 -13.21 -20.29 1.43
N GLY A 105 -12.98 -20.75 0.20
CA GLY A 105 -12.89 -19.87 -0.94
C GLY A 105 -13.00 -20.62 -2.24
N VAL A 106 -13.25 -19.88 -3.31
CA VAL A 106 -13.28 -20.44 -4.65
C VAL A 106 -12.60 -19.48 -5.62
N ASN A 107 -11.88 -20.04 -6.60
CA ASN A 107 -11.37 -19.29 -7.73
C ASN A 107 -11.84 -20.04 -8.98
N THR A 108 -12.86 -19.50 -9.66
CA THR A 108 -13.41 -20.14 -10.85
C THR A 108 -12.43 -20.12 -12.01
N ARG A 109 -11.43 -19.25 -11.98
CA ARG A 109 -10.41 -19.10 -13.02
C ARG A 109 -10.97 -18.58 -14.36
N GLU A 110 -12.18 -18.01 -14.37
CA GLU A 110 -12.73 -17.42 -15.60
C GLU A 110 -12.03 -16.09 -15.91
N ALA A 111 -11.36 -16.00 -17.06
CA ALA A 111 -10.78 -14.73 -17.48
C ALA A 111 -11.88 -13.71 -17.73
N ALA A 112 -11.49 -12.43 -17.79
CA ALA A 112 -12.45 -11.31 -17.84
C ALA A 112 -13.51 -11.48 -18.93
N ASP A 113 -13.11 -11.72 -20.18
CA ASP A 113 -14.10 -11.84 -21.25
C ASP A 113 -14.88 -13.14 -21.22
N ASP A 114 -14.57 -14.06 -20.32
CA ASP A 114 -15.31 -15.31 -20.20
C ASP A 114 -16.17 -15.39 -18.95
N VAL A 115 -16.20 -14.35 -18.12
CA VAL A 115 -16.90 -14.47 -16.85
C VAL A 115 -18.39 -14.66 -17.09
N THR A 116 -18.97 -15.62 -16.37
CA THR A 116 -20.40 -15.85 -16.38
C THR A 116 -20.99 -15.24 -15.11
N PHE A 117 -22.29 -14.94 -15.18
CA PHE A 117 -23.01 -14.48 -14.00
C PHE A 117 -22.84 -15.42 -12.82
N ASN A 118 -22.93 -16.72 -13.08
CA ASN A 118 -22.91 -17.69 -12.00
C ASN A 118 -21.53 -17.81 -11.36
N GLY A 119 -20.46 -17.81 -12.18
CA GLY A 119 -19.11 -17.87 -11.64
C GLY A 119 -18.81 -16.66 -10.76
N TRP A 120 -19.15 -15.47 -11.25
CA TRP A 120 -18.99 -14.24 -10.50
C TRP A 120 -19.78 -14.27 -9.20
N ASP A 121 -21.09 -14.60 -9.28
CA ASP A 121 -21.92 -14.59 -8.09
C ASP A 121 -21.42 -15.60 -7.08
N GLN A 122 -20.97 -16.76 -7.54
CA GLN A 122 -20.50 -17.74 -6.57
C GLN A 122 -19.17 -17.31 -5.92
N THR A 123 -18.31 -16.62 -6.67
CA THR A 123 -17.08 -16.09 -6.07
C THR A 123 -17.39 -15.04 -5.01
N LEU A 124 -18.27 -14.09 -5.32
CA LEU A 124 -18.63 -13.07 -4.32
C LEU A 124 -19.34 -13.69 -3.13
N ALA A 125 -20.27 -14.62 -3.37
CA ALA A 125 -21.01 -15.21 -2.27
C ALA A 125 -20.10 -15.95 -1.30
N LEU A 126 -19.14 -16.73 -1.81
CA LEU A 126 -18.31 -17.52 -0.90
C LEU A 126 -17.17 -16.71 -0.28
N ASN A 127 -16.50 -15.89 -1.07
CA ASN A 127 -15.25 -15.28 -0.65
C ASN A 127 -15.45 -13.99 0.13
N LEU A 128 -16.54 -13.27 -0.11
CA LEU A 128 -16.74 -11.94 0.48
C LEU A 128 -17.94 -11.89 1.41
N SER A 129 -19.12 -12.32 0.93
CA SER A 129 -20.33 -12.20 1.74
C SER A 129 -20.36 -13.22 2.88
N ALA A 130 -19.98 -14.45 2.59
CA ALA A 130 -19.97 -15.49 3.62
C ALA A 130 -19.12 -15.10 4.83
N PRO A 131 -17.85 -14.68 4.70
CA PRO A 131 -17.10 -14.30 5.91
C PRO A 131 -17.77 -13.21 6.72
N PHE A 132 -18.38 -12.23 6.06
CA PHE A 132 -19.01 -11.16 6.82
C PHE A 132 -20.21 -11.66 7.61
N PHE A 133 -21.15 -12.33 6.94
CA PHE A 133 -22.36 -12.76 7.66
C PHE A 133 -22.07 -13.85 8.70
N LEU A 134 -21.12 -14.76 8.45
CA LEU A 134 -20.76 -15.71 9.50
C LEU A 134 -20.11 -15.01 10.70
N SER A 135 -19.16 -14.09 10.45
CA SER A 135 -18.57 -13.35 11.55
C SER A 135 -19.62 -12.59 12.33
N LYS A 136 -20.56 -11.95 11.62
CA LYS A 136 -21.60 -11.16 12.23
C LYS A 136 -22.46 -12.02 13.14
N ALA A 137 -22.76 -13.24 12.71
CA ALA A 137 -23.51 -14.15 13.57
C ALA A 137 -22.73 -14.48 14.84
N PHE A 138 -21.41 -14.59 14.76
CA PHE A 138 -20.68 -15.05 15.95
C PHE A 138 -20.17 -13.93 16.86
N VAL A 139 -20.09 -12.68 16.41
CA VAL A 139 -19.51 -11.62 17.24
C VAL A 139 -20.23 -11.39 18.56
N PRO A 140 -21.58 -11.45 18.66
CA PRO A 140 -22.22 -11.15 19.96
C PRO A 140 -21.69 -11.96 21.15
N GLU A 141 -21.45 -13.26 20.96
CA GLU A 141 -20.91 -14.06 22.06
C GLU A 141 -19.44 -13.71 22.35
N MET A 142 -18.67 -13.37 21.31
CA MET A 142 -17.30 -12.92 21.55
C MET A 142 -17.30 -11.65 22.37
N ARG A 143 -18.17 -10.70 22.00
CA ARG A 143 -18.28 -9.42 22.70
C ARG A 143 -18.66 -9.63 24.15
N LYS A 144 -19.56 -10.59 24.40
CA LYS A 144 -19.92 -10.92 25.77
C LYS A 144 -18.72 -11.46 26.54
N LYS A 145 -17.91 -12.30 25.90
CA LYS A 145 -16.65 -12.71 26.54
C LYS A 145 -15.61 -11.60 26.56
N GLY A 146 -15.77 -10.55 25.76
CA GLY A 146 -14.74 -9.53 25.65
C GLY A 146 -13.49 -9.96 24.91
N TRP A 147 -13.56 -11.03 24.10
CA TRP A 147 -12.37 -11.57 23.47
C TRP A 147 -12.77 -12.33 22.22
N GLY A 148 -12.04 -12.09 21.12
CA GLY A 148 -12.35 -12.74 19.86
C GLY A 148 -11.26 -12.59 18.82
N ARG A 149 -11.15 -13.57 17.93
CA ARG A 149 -10.17 -13.51 16.85
C ARG A 149 -10.90 -13.87 15.57
N ILE A 150 -10.80 -13.00 14.57
CA ILE A 150 -11.27 -13.29 13.22
C ILE A 150 -10.07 -13.28 12.28
N VAL A 151 -9.85 -14.40 11.57
CA VAL A 151 -8.81 -14.46 10.55
C VAL A 151 -9.45 -14.68 9.18
N ASN A 152 -9.34 -13.67 8.32
CA ASN A 152 -9.73 -13.75 6.93
C ASN A 152 -8.55 -14.21 6.08
N PHE A 153 -8.85 -14.72 4.90
CA PHE A 153 -7.80 -15.14 3.99
C PHE A 153 -7.68 -14.12 2.86
N ALA A 154 -6.59 -13.37 2.89
CA ALA A 154 -6.25 -12.54 1.75
C ALA A 154 -5.49 -13.42 0.76
N SER A 155 -4.72 -12.82 -0.13
CA SER A 155 -4.20 -13.52 -1.28
C SER A 155 -3.12 -12.66 -1.89
N LEU A 156 -2.24 -13.27 -2.70
CA LEU A 156 -1.40 -12.42 -3.55
C LEU A 156 -2.26 -11.58 -4.49
N GLN A 157 -3.43 -12.10 -4.87
CA GLN A 157 -4.35 -11.35 -5.70
C GLN A 157 -5.17 -10.32 -4.90
N THR A 158 -4.82 -10.12 -3.62
CA THR A 158 -5.28 -8.91 -2.94
C THR A 158 -4.66 -7.67 -3.59
N THR A 159 -3.44 -7.80 -4.12
CA THR A 159 -2.74 -6.68 -4.72
C THR A 159 -2.25 -6.93 -6.16
N ARG A 160 -2.20 -8.17 -6.65
CA ARG A 160 -1.56 -8.47 -7.93
C ARG A 160 -2.49 -9.29 -8.79
N ALA A 161 -2.79 -8.79 -10.00
CA ALA A 161 -3.73 -9.47 -10.89
C ALA A 161 -3.00 -10.58 -11.66
N PHE A 162 -3.46 -11.82 -11.49
CA PHE A 162 -2.94 -13.01 -12.17
C PHE A 162 -3.92 -13.44 -13.25
N PRO A 163 -3.46 -14.14 -14.29
CA PRO A 163 -4.39 -14.64 -15.31
C PRO A 163 -5.55 -15.44 -14.72
N GLY A 164 -6.75 -15.15 -15.22
CA GLY A 164 -7.98 -15.81 -14.80
C GLY A 164 -8.51 -15.45 -13.42
N GLY A 165 -8.06 -14.38 -12.79
CA GLY A 165 -8.48 -14.14 -11.42
C GLY A 165 -9.35 -12.93 -11.16
N ILE A 166 -10.09 -12.42 -12.16
CA ILE A 166 -10.74 -11.11 -12.00
C ILE A 166 -11.81 -11.13 -10.90
N ALA A 167 -12.69 -12.13 -10.90
CA ALA A 167 -13.66 -12.23 -9.81
C ALA A 167 -12.95 -12.49 -8.48
N TYR A 168 -12.02 -13.44 -8.48
CA TYR A 168 -11.26 -13.77 -7.30
C TYR A 168 -10.56 -12.54 -6.74
N GLY A 169 -9.85 -11.81 -7.61
CA GLY A 169 -9.17 -10.61 -7.19
C GLY A 169 -10.12 -9.57 -6.62
N ALA A 170 -11.28 -9.38 -7.26
CA ALA A 170 -12.24 -8.46 -6.71
C ALA A 170 -12.55 -8.81 -5.26
N THR A 171 -12.82 -10.10 -5.00
CA THR A 171 -13.16 -10.50 -3.64
C THR A 171 -11.96 -10.40 -2.69
N LYS A 172 -10.74 -10.58 -3.20
CA LYS A 172 -9.57 -10.58 -2.30
C LYS A 172 -9.08 -9.19 -1.96
N GLY A 173 -9.20 -8.24 -2.89
CA GLY A 173 -9.07 -6.85 -2.53
C GLY A 173 -10.17 -6.42 -1.57
N GLY A 174 -11.38 -6.95 -1.76
CA GLY A 174 -12.47 -6.66 -0.85
C GLY A 174 -12.20 -7.15 0.56
N ILE A 175 -11.59 -8.35 0.69
CA ILE A 175 -11.32 -8.92 2.00
C ILE A 175 -10.40 -8.02 2.83
N ALA A 176 -9.44 -7.37 2.19
CA ALA A 176 -8.55 -6.44 2.89
C ALA A 176 -9.32 -5.29 3.56
N GLN A 177 -10.13 -4.56 2.78
CA GLN A 177 -10.89 -3.48 3.41
C GLN A 177 -11.97 -4.03 4.34
N LEU A 178 -12.55 -5.18 4.02
CA LEU A 178 -13.52 -5.79 4.91
C LEU A 178 -12.88 -6.10 6.26
N THR A 179 -11.65 -6.60 6.25
CA THR A 179 -10.91 -6.87 7.48
C THR A 179 -10.71 -5.60 8.28
N ARG A 180 -10.29 -4.52 7.61
CA ARG A 180 -10.17 -3.23 8.30
C ARG A 180 -11.52 -2.77 8.88
N ALA A 181 -12.59 -2.89 8.10
CA ALA A 181 -13.92 -2.48 8.58
C ALA A 181 -14.35 -3.30 9.78
N MET A 182 -14.07 -4.60 9.76
CA MET A 182 -14.40 -5.47 10.90
C MET A 182 -13.65 -5.04 12.13
N ALA A 183 -12.39 -4.64 11.94
CA ALA A 183 -11.62 -4.07 13.02
C ALA A 183 -12.27 -2.81 13.55
N GLU A 184 -12.67 -1.90 12.66
CA GLU A 184 -13.23 -0.63 13.11
C GLU A 184 -14.53 -0.85 13.87
N ALA A 185 -15.31 -1.83 13.43
CA ALA A 185 -16.58 -2.13 14.07
C ALA A 185 -16.42 -2.86 15.40
N TRP A 186 -15.54 -3.86 15.47
CA TRP A 186 -15.61 -4.83 16.56
C TRP A 186 -14.39 -4.86 17.48
N SER A 187 -13.24 -4.27 17.08
CA SER A 187 -12.06 -4.34 17.94
C SER A 187 -12.22 -3.59 19.27
N PRO A 188 -13.12 -2.61 19.41
CA PRO A 188 -13.32 -2.01 20.74
C PRO A 188 -13.82 -3.00 21.79
N ASP A 189 -14.38 -4.14 21.36
CA ASP A 189 -14.95 -5.12 22.26
C ASP A 189 -14.02 -6.31 22.52
N GLY A 190 -12.75 -6.20 22.11
CA GLY A 190 -11.81 -7.28 22.25
C GLY A 190 -11.74 -8.25 21.09
N ILE A 191 -12.37 -7.95 19.97
CA ILE A 191 -12.36 -8.82 18.79
C ILE A 191 -11.38 -8.24 17.79
N THR A 192 -10.26 -8.91 17.56
CA THR A 192 -9.38 -8.47 16.49
C THR A 192 -9.79 -9.16 15.19
N ALA A 193 -9.46 -8.52 14.08
CA ALA A 193 -9.75 -9.05 12.75
C ALA A 193 -8.56 -8.75 11.87
N ASN A 194 -7.95 -9.81 11.37
CA ASN A 194 -6.77 -9.71 10.53
C ASN A 194 -6.95 -10.68 9.39
N ALA A 195 -6.12 -10.52 8.38
CA ALA A 195 -6.19 -11.38 7.22
C ALA A 195 -4.81 -11.94 6.96
N ILE A 196 -4.71 -13.26 6.80
CA ILE A 196 -3.46 -13.86 6.37
C ILE A 196 -3.54 -14.04 4.87
N GLY A 197 -2.47 -13.64 4.18
CA GLY A 197 -2.38 -13.76 2.75
C GLY A 197 -1.31 -14.77 2.35
N PRO A 198 -1.69 -16.05 2.25
CA PRO A 198 -0.74 -17.06 1.78
C PRO A 198 -0.28 -16.78 0.37
N GLY A 199 0.99 -17.08 0.11
CA GLY A 199 1.46 -17.19 -1.26
C GLY A 199 1.08 -18.54 -1.83
N PHE A 201 1.08 -22.33 -2.07
CA PHE A 201 0.90 -23.52 -1.25
C PHE A 201 0.18 -24.62 -2.03
N PRO A 202 0.59 -25.87 -1.85
CA PRO A 202 -0.19 -26.98 -2.42
C PRO A 202 -1.51 -27.08 -1.69
N THR A 203 -2.58 -26.61 -2.29
CA THR A 203 -3.88 -26.58 -1.63
C THR A 203 -4.90 -27.03 -2.64
N GLU A 204 -6.12 -27.06 -2.18
CA GLU A 204 -7.19 -27.22 -3.11
C GLU A 204 -7.13 -26.12 -4.17
N LEU A 205 -7.00 -24.87 -3.73
CA LEU A 205 -7.20 -23.64 -4.50
C LEU A 205 -6.04 -23.32 -5.43
N THR A 206 -4.93 -24.07 -5.33
CA THR A 206 -3.74 -23.85 -6.15
C THR A 206 -3.27 -25.06 -6.97
N ALA A 207 -4.06 -26.13 -7.10
CA ALA A 207 -3.43 -27.28 -7.72
C ALA A 207 -3.23 -27.14 -9.23
N ALA A 208 -4.02 -26.30 -9.90
CA ALA A 208 -3.72 -25.93 -11.28
C ALA A 208 -2.32 -25.36 -11.41
N VAL A 209 -1.85 -24.70 -10.35
CA VAL A 209 -0.47 -24.20 -10.33
C VAL A 209 0.51 -25.31 -10.00
N PHE A 210 0.16 -26.19 -9.07
CA PHE A 210 1.15 -27.17 -8.62
C PHE A 210 1.15 -28.44 -9.49
N GLU A 211 0.19 -28.58 -10.44
CA GLU A 211 0.20 -29.70 -11.39
C GLU A 211 1.02 -29.33 -12.63
N ASP A 212 1.44 -28.06 -12.72
CA ASP A 212 2.34 -27.51 -13.76
C ASP A 212 3.71 -27.22 -13.14
N ASP A 213 4.67 -28.14 -13.35
CA ASP A 213 5.98 -28.03 -12.71
C ASP A 213 6.68 -26.71 -13.04
N ALA A 214 6.65 -26.29 -14.31
CA ALA A 214 7.33 -25.04 -14.69
C ALA A 214 6.71 -23.82 -14.02
N ARG A 215 5.37 -23.79 -13.92
CA ARG A 215 4.72 -22.65 -13.28
C ARG A 215 5.08 -22.58 -11.82
N ALA A 216 5.12 -23.74 -11.16
CA ALA A 216 5.56 -23.78 -9.77
C ALA A 216 6.99 -23.27 -9.67
N ALA A 217 7.82 -23.58 -10.66
CA ALA A 217 9.22 -23.14 -10.58
C ALA A 217 9.34 -21.61 -10.73
N ARG A 218 8.64 -20.99 -11.67
CA ARG A 218 8.72 -19.53 -11.73
C ARG A 218 8.19 -18.93 -10.45
N ASN A 219 7.03 -19.44 -10.00
CA ASN A 219 6.44 -18.90 -8.79
C ASN A 219 7.41 -18.97 -7.63
N ALA A 220 8.15 -20.08 -7.51
CA ALA A 220 9.14 -20.19 -6.43
C ALA A 220 10.26 -19.19 -6.60
N ALA A 221 10.71 -18.98 -7.85
CA ALA A 221 11.78 -18.02 -8.12
C ALA A 221 11.35 -16.58 -7.91
N GLN A 222 10.04 -16.31 -7.95
CA GLN A 222 9.55 -14.96 -7.71
C GLN A 222 9.59 -14.60 -6.22
N THR A 223 9.66 -15.57 -5.33
CA THR A 223 9.78 -15.25 -3.90
C THR A 223 11.20 -14.80 -3.56
N CYS A 224 11.35 -14.17 -2.39
CA CYS A 224 12.69 -13.85 -1.90
C CYS A 224 13.46 -15.11 -1.48
N ILE A 225 12.78 -16.06 -0.84
CA ILE A 225 13.46 -17.25 -0.33
C ILE A 225 13.88 -18.18 -1.47
N GLY A 226 13.03 -18.37 -2.47
CA GLY A 226 13.31 -19.25 -3.57
C GLY A 226 12.52 -20.54 -3.57
N ARG A 227 11.46 -20.62 -2.79
CA ARG A 227 10.63 -21.81 -2.71
C ARG A 227 9.17 -21.40 -2.55
N ASN A 228 8.28 -22.33 -2.91
CA ASN A 228 6.87 -22.21 -2.57
C ASN A 228 6.65 -22.62 -1.12
N GLY A 229 5.45 -22.35 -0.61
CA GLY A 229 5.15 -22.69 0.75
C GLY A 229 4.86 -24.16 0.94
N THR A 230 5.17 -24.67 2.13
CA THR A 230 4.66 -25.94 2.60
C THR A 230 3.66 -25.65 3.70
N LEU A 231 2.77 -26.61 3.95
CA LEU A 231 1.65 -26.35 4.85
C LEU A 231 2.14 -25.91 6.22
N SER A 232 3.23 -26.52 6.69
CA SER A 232 3.79 -26.20 8.00
C SER A 232 4.14 -24.72 8.13
N ASP A 233 4.50 -24.07 7.01
CA ASP A 233 4.77 -22.62 7.01
C ASP A 233 3.64 -21.81 7.63
N MET A 234 2.41 -22.30 7.55
CA MET A 234 1.28 -21.51 8.07
C MET A 234 1.01 -21.70 9.55
N ASP A 235 1.72 -22.63 10.23
CA ASP A 235 1.44 -22.94 11.64
C ASP A 235 1.66 -21.73 12.56
N GLY A 236 2.86 -21.16 12.52
CA GLY A 236 3.19 -19.99 13.29
C GLY A 236 2.30 -18.77 13.06
N PRO A 237 2.10 -18.39 11.79
CA PRO A 237 1.23 -17.24 11.51
C PRO A 237 -0.19 -17.41 12.02
N ILE A 238 -0.83 -18.53 11.70
CA ILE A 238 -2.19 -18.77 12.17
C ILE A 238 -2.24 -18.64 13.68
N LEU A 239 -1.32 -19.32 14.35
CA LEU A 239 -1.29 -19.28 15.81
C LEU A 239 -1.09 -17.85 16.29
N PHE A 240 -0.15 -17.14 15.67
CA PHE A 240 0.07 -15.73 16.02
C PHE A 240 -1.22 -14.95 15.97
N LEU A 241 -1.99 -15.10 14.88
CA LEU A 241 -3.17 -14.27 14.74
C LEU A 241 -4.36 -14.77 15.55
N CYS A 242 -4.28 -15.98 16.10
CA CYS A 242 -5.44 -16.55 16.77
C CYS A 242 -5.32 -16.52 18.29
N SER A 243 -4.24 -15.97 18.82
CA SER A 243 -3.90 -16.12 20.24
C SER A 243 -3.78 -14.76 20.92
N ASP A 244 -3.46 -14.81 22.22
CA ASP A 244 -3.16 -13.60 22.99
C ASP A 244 -1.97 -12.83 22.45
N ALA A 245 -1.08 -13.50 21.72
CA ALA A 245 0.13 -12.85 21.21
C ALA A 245 -0.19 -11.63 20.35
N SER A 246 -1.36 -11.61 19.70
CA SER A 246 -1.69 -10.58 18.73
C SER A 246 -2.75 -9.61 19.24
N ALA A 247 -2.83 -9.41 20.56
CA ALA A 247 -3.92 -8.59 21.09
C ALA A 247 -3.92 -7.17 20.51
N TYR A 248 -2.76 -6.61 20.16
CA TYR A 248 -2.70 -5.23 19.67
C TYR A 248 -2.46 -5.17 18.16
N VAL A 249 -2.68 -6.28 17.46
CA VAL A 249 -2.62 -6.35 16.01
C VAL A 249 -4.05 -6.49 15.51
N THR A 250 -4.54 -5.50 14.79
CA THR A 250 -5.89 -5.65 14.26
C THR A 250 -6.03 -4.85 12.97
N GLY A 251 -6.91 -5.33 12.10
CA GLY A 251 -7.08 -4.71 10.81
C GLY A 251 -5.87 -4.79 9.89
N GLN A 252 -5.04 -5.83 10.04
CA GLN A 252 -3.82 -5.98 9.26
C GLN A 252 -3.91 -7.14 8.28
N VAL A 253 -3.18 -7.00 7.18
CA VAL A 253 -2.91 -8.10 6.25
C VAL A 253 -1.51 -8.60 6.51
N LEU A 254 -1.37 -9.88 6.80
CA LEU A 254 -0.07 -10.48 7.05
C LEU A 254 0.21 -11.49 5.94
N MET A 255 1.12 -11.15 5.03
CA MET A 255 1.46 -12.02 3.91
C MET A 255 2.41 -13.12 4.37
N VAL A 256 2.07 -14.36 4.04
CA VAL A 256 2.93 -15.48 4.34
C VAL A 256 3.33 -16.08 3.01
N ASP A 257 4.35 -15.48 2.37
CA ASP A 257 4.54 -15.69 0.93
C ASP A 257 6.01 -15.74 0.52
N GLY A 258 6.94 -15.92 1.46
CA GLY A 258 8.35 -15.99 1.14
C GLY A 258 8.92 -14.76 0.47
N GLY A 259 8.27 -13.61 0.62
CA GLY A 259 8.75 -12.41 -0.03
C GLY A 259 8.28 -12.23 -1.46
N PHE A 260 7.34 -13.04 -1.94
CA PHE A 260 6.73 -12.83 -3.26
C PHE A 260 6.39 -11.36 -3.49
N THR A 261 5.76 -10.72 -2.49
CA THR A 261 5.32 -9.35 -2.66
C THR A 261 6.44 -8.34 -2.46
N ALA A 262 7.58 -8.74 -1.90
CA ALA A 262 8.70 -7.82 -1.77
C ALA A 262 9.49 -7.63 -3.07
N LYS A 263 9.22 -8.43 -4.11
CA LYS A 263 9.97 -8.34 -5.37
C LYS A 263 9.11 -7.94 -6.60
N LEU B 17 -3.07 16.34 -26.51
CA LEU B 17 -2.90 15.30 -25.50
C LEU B 17 -4.18 15.11 -24.70
N PHE B 18 -4.88 16.23 -24.46
CA PHE B 18 -6.09 16.25 -23.67
C PHE B 18 -7.33 16.49 -24.52
N ASP B 19 -7.20 16.41 -25.83
CA ASP B 19 -8.31 16.60 -26.75
C ASP B 19 -9.08 15.29 -26.92
N LEU B 20 -10.39 15.32 -26.65
CA LEU B 20 -11.21 14.12 -26.77
C LEU B 20 -12.16 14.18 -27.96
N SER B 21 -11.89 15.07 -28.92
CA SER B 21 -12.69 15.14 -30.14
C SER B 21 -12.66 13.80 -30.88
N GLY B 22 -13.84 13.35 -31.30
CA GLY B 22 -14.00 12.06 -31.94
C GLY B 22 -14.17 10.89 -31.01
N LYS B 23 -14.21 11.14 -29.69
CA LYS B 23 -14.37 10.07 -28.71
C LYS B 23 -15.79 10.12 -28.16
N VAL B 24 -16.29 8.97 -27.73
CA VAL B 24 -17.59 8.86 -27.09
C VAL B 24 -17.37 8.37 -25.66
N ALA B 25 -17.99 9.05 -24.69
CA ALA B 25 -17.92 8.69 -23.29
C ALA B 25 -19.31 8.35 -22.75
N CYS B 26 -19.36 7.26 -21.98
CA CYS B 26 -20.51 6.92 -21.15
C CYS B 26 -20.15 7.16 -19.70
N ILE B 27 -21.00 7.90 -18.99
CA ILE B 27 -20.83 8.17 -17.56
C ILE B 27 -22.07 7.63 -16.84
N THR B 28 -21.86 6.68 -15.95
CA THR B 28 -22.96 6.25 -15.10
C THR B 28 -23.01 7.14 -13.88
N GLY B 29 -24.17 7.13 -13.22
CA GLY B 29 -24.38 8.07 -12.12
C GLY B 29 -24.29 9.52 -12.57
N ALA B 30 -24.73 9.83 -13.79
CA ALA B 30 -24.42 11.13 -14.37
C ALA B 30 -25.38 12.21 -13.93
N SER B 31 -26.41 11.92 -13.15
CA SER B 31 -27.43 12.92 -12.89
C SER B 31 -27.09 13.81 -11.72
N SER B 32 -26.06 13.48 -10.95
CA SER B 32 -25.69 14.30 -9.80
C SER B 32 -24.20 14.20 -9.53
N GLY B 33 -23.74 15.13 -8.69
CA GLY B 33 -22.39 15.07 -8.13
C GLY B 33 -21.27 14.83 -9.10
N LEU B 34 -20.46 13.80 -8.77
CA LEU B 34 -19.18 13.66 -9.47
C LEU B 34 -19.38 13.13 -10.89
N GLY B 35 -20.33 12.21 -11.08
CA GLY B 35 -20.64 11.77 -12.42
C GLY B 35 -21.11 12.91 -13.32
N ARG B 36 -21.97 13.79 -12.78
CA ARG B 36 -22.43 14.94 -13.55
C ARG B 36 -21.25 15.81 -13.98
N ARG B 37 -20.36 16.12 -13.02
CA ARG B 37 -19.22 16.98 -13.34
C ARG B 37 -18.28 16.31 -14.34
N ALA B 38 -18.13 14.98 -14.24
CA ALA B 38 -17.33 14.23 -15.20
C ALA B 38 -17.88 14.38 -16.60
N ALA B 39 -19.21 14.27 -16.75
CA ALA B 39 -19.82 14.46 -18.08
C ALA B 39 -19.55 15.87 -18.61
N LEU B 40 -19.70 16.88 -17.76
CA LEU B 40 -19.39 18.27 -18.16
C LEU B 40 -17.96 18.42 -18.64
N THR B 41 -17.01 17.89 -17.87
CA THR B 41 -15.59 18.01 -18.21
C THR B 41 -15.28 17.30 -19.51
N LEU B 42 -15.77 16.07 -19.68
CA LEU B 42 -15.44 15.34 -20.90
C LEU B 42 -16.07 15.99 -22.12
N ALA B 43 -17.31 16.49 -21.99
CA ALA B 43 -17.93 17.23 -23.09
C ALA B 43 -17.12 18.47 -23.42
N ALA B 44 -16.63 19.18 -22.40
CA ALA B 44 -15.83 20.38 -22.62
C ALA B 44 -14.55 20.07 -23.37
N ALA B 45 -14.04 18.84 -23.23
CA ALA B 45 -12.84 18.42 -23.94
C ALA B 45 -13.14 17.89 -25.33
N GLY B 46 -14.39 17.97 -25.79
CA GLY B 46 -14.75 17.61 -27.14
C GLY B 46 -15.40 16.25 -27.31
N ALA B 47 -15.58 15.50 -26.24
CA ALA B 47 -16.18 14.19 -26.33
C ALA B 47 -17.71 14.31 -26.45
N LYS B 48 -18.30 13.36 -27.17
CA LYS B 48 -19.73 13.10 -27.01
C LYS B 48 -19.91 12.31 -25.71
N VAL B 49 -20.91 12.68 -24.92
CA VAL B 49 -21.15 12.05 -23.63
C VAL B 49 -22.55 11.45 -23.63
N VAL B 50 -22.67 10.26 -23.05
CA VAL B 50 -23.95 9.64 -22.72
C VAL B 50 -24.02 9.56 -21.21
N GLY B 51 -24.92 10.34 -20.60
CA GLY B 51 -25.17 10.24 -19.18
C GLY B 51 -26.21 9.16 -18.89
N VAL B 52 -25.90 8.30 -17.92
CA VAL B 52 -26.79 7.20 -17.53
C VAL B 52 -27.29 7.46 -16.12
N ALA B 53 -28.60 7.36 -15.92
CA ALA B 53 -29.15 7.43 -14.57
C ALA B 53 -30.54 6.79 -14.55
N ARG B 54 -31.08 6.62 -13.35
CA ARG B 54 -32.42 6.05 -13.17
C ARG B 54 -33.53 7.04 -13.51
N ARG B 55 -33.22 8.33 -13.38
CA ARG B 55 -34.14 9.47 -13.29
C ARG B 55 -34.00 10.44 -14.48
N ALA B 56 -35.09 10.63 -15.23
CA ALA B 56 -34.94 11.29 -16.54
C ALA B 56 -34.66 12.78 -16.42
N ASP B 57 -35.32 13.47 -15.49
CA ASP B 57 -35.38 14.94 -15.54
C ASP B 57 -34.01 15.56 -15.24
N ALA B 58 -33.30 15.01 -14.26
CA ALA B 58 -31.95 15.49 -14.00
C ALA B 58 -31.05 15.24 -15.20
N LEU B 59 -31.20 14.08 -15.84
CA LEU B 59 -30.41 13.81 -17.05
C LEU B 59 -30.69 14.82 -18.15
N ASP B 60 -31.96 15.21 -18.31
CA ASP B 60 -32.30 16.20 -19.32
C ASP B 60 -31.78 17.58 -18.96
N ASN B 61 -31.82 17.94 -17.67
CA ASN B 61 -31.17 19.16 -17.25
C ASN B 61 -29.70 19.17 -17.69
N LEU B 62 -28.99 18.06 -17.42
CA LEU B 62 -27.58 17.95 -17.80
C LEU B 62 -27.42 18.08 -19.31
N CYS B 63 -28.29 17.41 -20.07
CA CYS B 63 -28.21 17.45 -21.52
C CYS B 63 -28.47 18.86 -22.06
N ALA B 64 -29.37 19.60 -21.42
CA ALA B 64 -29.62 20.99 -21.81
C ALA B 64 -28.39 21.85 -21.54
N GLU B 65 -27.78 21.69 -20.37
CA GLU B 65 -26.56 22.45 -20.10
C GLU B 65 -25.46 22.14 -21.12
N ILE B 66 -25.35 20.88 -21.54
CA ILE B 66 -24.25 20.54 -22.46
C ILE B 66 -24.62 20.87 -23.90
N GLY B 67 -25.84 20.58 -24.30
CA GLY B 67 -26.25 20.74 -25.67
C GLY B 67 -26.13 19.44 -26.44
N PRO B 68 -26.00 19.53 -27.76
CA PRO B 68 -26.17 18.35 -28.62
C PRO B 68 -25.07 17.31 -28.52
N ALA B 69 -23.95 17.59 -27.85
CA ALA B 69 -22.96 16.54 -27.65
C ALA B 69 -23.34 15.57 -26.54
N ALA B 70 -24.41 15.86 -25.79
CA ALA B 70 -24.88 15.04 -24.68
C ALA B 70 -26.14 14.26 -25.06
N ALA B 71 -26.17 12.98 -24.73
CA ALA B 71 -27.39 12.20 -24.75
C ALA B 71 -27.64 11.62 -23.37
N ALA B 72 -28.90 11.29 -23.09
CA ALA B 72 -29.31 10.77 -21.81
C ALA B 72 -29.89 9.38 -22.00
N VAL B 73 -29.50 8.46 -21.11
CA VAL B 73 -30.07 7.11 -21.09
C VAL B 73 -30.57 6.82 -19.68
N VAL B 74 -31.82 6.39 -19.58
CA VAL B 74 -32.42 6.04 -18.30
C VAL B 74 -32.28 4.54 -18.09
N ALA B 75 -31.58 4.15 -17.04
CA ALA B 75 -31.33 2.72 -16.82
C ALA B 75 -30.88 2.48 -15.39
N ASP B 76 -31.17 1.27 -14.89
CA ASP B 76 -30.59 0.76 -13.65
C ASP B 76 -29.41 -0.13 -14.01
N VAL B 77 -28.19 0.40 -13.92
CA VAL B 77 -27.00 -0.33 -14.36
C VAL B 77 -26.69 -1.55 -13.50
N ALA B 78 -27.30 -1.64 -12.32
CA ALA B 78 -27.17 -2.84 -11.49
C ALA B 78 -28.11 -3.96 -11.93
N SER B 79 -29.10 -3.65 -12.75
CA SER B 79 -30.07 -4.68 -13.15
C SER B 79 -29.45 -5.65 -14.14
N ARG B 80 -29.46 -6.94 -13.79
CA ARG B 80 -28.92 -7.96 -14.69
C ARG B 80 -29.82 -8.16 -15.91
N ASP B 81 -31.13 -8.27 -15.70
CA ASP B 81 -32.05 -8.34 -16.83
C ASP B 81 -31.85 -7.15 -17.78
N GLY B 82 -31.55 -5.97 -17.23
CA GLY B 82 -31.44 -4.73 -17.98
C GLY B 82 -30.16 -4.56 -18.80
N LEU B 83 -29.16 -5.43 -18.62
CA LEU B 83 -27.82 -5.14 -19.14
C LEU B 83 -27.83 -4.94 -20.65
N GLU B 84 -28.41 -5.89 -21.40
CA GLU B 84 -28.38 -5.82 -22.86
C GLU B 84 -29.03 -4.53 -23.41
N ARG B 85 -30.22 -4.17 -22.94
CA ARG B 85 -30.83 -2.94 -23.43
C ARG B 85 -30.08 -1.70 -22.93
N THR B 86 -29.59 -1.73 -21.68
CA THR B 86 -28.78 -0.62 -21.18
C THR B 86 -27.61 -0.37 -22.13
N VAL B 87 -26.96 -1.44 -22.57
CA VAL B 87 -25.82 -1.33 -23.48
C VAL B 87 -26.28 -0.80 -24.84
N ALA B 88 -27.37 -1.36 -25.38
CA ALA B 88 -27.88 -0.90 -26.67
C ALA B 88 -28.24 0.59 -26.62
N ASP B 89 -28.98 1.00 -25.58
CA ASP B 89 -29.41 2.38 -25.45
C ASP B 89 -28.22 3.32 -25.31
N ILE B 90 -27.20 2.91 -24.56
CA ILE B 90 -25.99 3.73 -24.46
C ILE B 90 -25.34 3.87 -25.83
N SER B 91 -25.30 2.77 -26.60
CA SER B 91 -24.64 2.80 -27.89
C SER B 91 -25.43 3.55 -28.95
N ALA B 92 -26.73 3.80 -28.72
CA ALA B 92 -27.60 4.27 -29.82
C ALA B 92 -27.25 5.67 -30.31
N PRO B 93 -27.23 6.71 -29.47
CA PRO B 93 -27.05 8.08 -30.02
C PRO B 93 -25.74 8.29 -30.78
N PHE B 94 -24.61 7.84 -30.24
CA PHE B 94 -23.31 8.19 -30.80
C PHE B 94 -22.45 7.00 -31.19
N GLY B 95 -22.96 5.79 -31.13
CA GLY B 95 -22.10 4.64 -31.34
C GLY B 95 -21.52 4.12 -30.04
N ALA B 96 -20.70 3.09 -30.16
CA ALA B 96 -20.08 2.44 -29.00
C ALA B 96 -19.14 3.41 -28.28
N PRO B 97 -19.20 3.49 -26.95
CA PRO B 97 -18.27 4.38 -26.23
C PRO B 97 -16.83 3.86 -26.19
N ASP B 98 -15.92 4.83 -26.22
CA ASP B 98 -14.49 4.65 -26.03
C ASP B 98 -14.07 4.88 -24.59
N ILE B 99 -14.85 5.67 -23.85
CA ILE B 99 -14.54 6.06 -22.48
C ILE B 99 -15.71 5.64 -21.61
N LEU B 100 -15.41 5.05 -20.48
CA LEU B 100 -16.44 4.57 -19.59
C LEU B 100 -16.06 5.04 -18.19
N VAL B 101 -16.91 5.87 -17.59
CA VAL B 101 -16.69 6.39 -16.24
C VAL B 101 -17.82 5.88 -15.34
N HIS B 102 -17.48 4.99 -14.40
CA HIS B 102 -18.45 4.33 -13.52
C HIS B 102 -18.58 5.11 -12.21
N ALA B 103 -19.30 6.21 -12.26
CA ALA B 103 -19.49 7.05 -11.09
C ALA B 103 -20.76 6.71 -10.30
N ALA B 104 -21.56 5.74 -10.74
CA ALA B 104 -22.69 5.29 -9.94
C ALA B 104 -22.20 4.48 -8.74
N GLY B 105 -22.77 4.75 -7.57
CA GLY B 105 -22.41 4.04 -6.35
C GLY B 105 -23.47 4.25 -5.30
N VAL B 106 -23.40 3.44 -4.24
CA VAL B 106 -24.28 3.61 -3.10
C VAL B 106 -23.53 3.29 -1.81
N ASN B 107 -23.82 4.05 -0.76
CA ASN B 107 -23.39 3.70 0.59
C ASN B 107 -24.64 3.69 1.48
N THR B 108 -25.10 2.50 1.84
CA THR B 108 -26.28 2.37 2.71
C THR B 108 -26.02 2.88 4.12
N ARG B 109 -24.75 3.02 4.52
CA ARG B 109 -24.35 3.48 5.84
C ARG B 109 -24.76 2.51 6.96
N GLU B 110 -25.11 1.27 6.65
CA GLU B 110 -25.43 0.32 7.71
C GLU B 110 -24.16 -0.09 8.44
N ALA B 111 -24.09 0.19 9.72
CA ALA B 111 -22.98 -0.30 10.52
C ALA B 111 -23.03 -1.83 10.55
N ALA B 112 -21.89 -2.43 10.90
CA ALA B 112 -21.70 -3.87 10.80
C ALA B 112 -22.82 -4.67 11.48
N ASP B 113 -23.15 -4.35 12.72
CA ASP B 113 -24.17 -5.15 13.41
C ASP B 113 -25.57 -4.86 12.92
N ASP B 114 -25.76 -3.87 12.05
CA ASP B 114 -27.06 -3.55 11.49
C ASP B 114 -27.18 -3.93 10.03
N VAL B 115 -26.16 -4.55 9.42
CA VAL B 115 -26.21 -4.81 8.00
C VAL B 115 -27.32 -5.82 7.68
N THR B 116 -28.11 -5.51 6.66
CA THR B 116 -29.14 -6.41 6.17
C THR B 116 -28.67 -7.10 4.90
N PHE B 117 -29.29 -8.23 4.60
CA PHE B 117 -29.05 -8.90 3.32
C PHE B 117 -29.25 -7.95 2.15
N ASN B 118 -30.32 -7.16 2.18
CA ASN B 118 -30.66 -6.34 1.03
C ASN B 118 -29.69 -5.18 0.85
N GLY B 119 -29.31 -4.52 1.95
CA GLY B 119 -28.34 -3.43 1.84
C GLY B 119 -26.99 -3.92 1.33
N TRP B 120 -26.50 -5.03 1.90
CA TRP B 120 -25.25 -5.62 1.44
C TRP B 120 -25.32 -5.95 -0.05
N ASP B 121 -26.37 -6.68 -0.46
CA ASP B 121 -26.50 -7.11 -1.85
C ASP B 121 -26.63 -5.91 -2.78
N GLN B 122 -27.35 -4.86 -2.37
CA GLN B 122 -27.47 -3.69 -3.24
C GLN B 122 -26.11 -2.96 -3.38
N THR B 123 -25.33 -2.92 -2.29
CA THR B 123 -24.01 -2.30 -2.36
C THR B 123 -23.09 -3.07 -3.30
N LEU B 124 -23.04 -4.40 -3.16
CA LEU B 124 -22.18 -5.19 -4.04
C LEU B 124 -22.65 -5.13 -5.47
N ALA B 125 -23.95 -5.22 -5.71
CA ALA B 125 -24.47 -5.20 -7.07
C ALA B 125 -24.16 -3.89 -7.78
N LEU B 126 -24.32 -2.74 -7.11
CA LEU B 126 -24.09 -1.47 -7.82
C LEU B 126 -22.61 -1.10 -7.91
N ASN B 127 -21.85 -1.28 -6.82
CA ASN B 127 -20.51 -0.74 -6.71
C ASN B 127 -19.44 -1.64 -7.31
N LEU B 128 -19.67 -2.95 -7.34
CA LEU B 128 -18.65 -3.91 -7.76
C LEU B 128 -19.06 -4.66 -9.02
N SER B 129 -20.24 -5.29 -9.02
CA SER B 129 -20.62 -6.15 -10.15
C SER B 129 -20.97 -5.31 -11.38
N ALA B 130 -21.73 -4.23 -11.18
CA ALA B 130 -22.15 -3.38 -12.28
C ALA B 130 -20.97 -2.86 -13.10
N PRO B 131 -19.94 -2.22 -12.51
CA PRO B 131 -18.82 -1.75 -13.35
C PRO B 131 -18.17 -2.87 -14.15
N PHE B 132 -18.06 -4.07 -13.56
CA PHE B 132 -17.42 -5.16 -14.29
C PHE B 132 -18.23 -5.58 -15.50
N PHE B 133 -19.51 -5.93 -15.29
CA PHE B 133 -20.30 -6.42 -16.41
C PHE B 133 -20.55 -5.34 -17.47
N LEU B 134 -20.67 -4.07 -17.05
CA LEU B 134 -20.81 -2.99 -18.02
C LEU B 134 -19.53 -2.85 -18.86
N SER B 135 -18.36 -2.84 -18.20
CA SER B 135 -17.10 -2.76 -18.93
C SER B 135 -16.94 -3.91 -19.88
N LYS B 136 -17.27 -5.12 -19.43
CA LYS B 136 -17.14 -6.32 -20.23
C LYS B 136 -17.97 -6.20 -21.50
N ALA B 137 -19.19 -5.67 -21.38
CA ALA B 137 -20.01 -5.47 -22.57
C ALA B 137 -19.36 -4.48 -23.53
N PHE B 138 -18.65 -3.47 -23.01
CA PHE B 138 -18.13 -2.45 -23.93
C PHE B 138 -16.72 -2.73 -24.45
N VAL B 139 -15.97 -3.66 -23.84
CA VAL B 139 -14.58 -3.89 -24.24
C VAL B 139 -14.42 -4.31 -25.71
N PRO B 140 -15.27 -5.19 -26.29
CA PRO B 140 -15.04 -5.59 -27.70
C PRO B 140 -14.90 -4.46 -28.72
N GLU B 141 -15.74 -3.42 -28.64
CA GLU B 141 -15.63 -2.33 -29.60
C GLU B 141 -14.38 -1.49 -29.35
N MET B 142 -13.98 -1.34 -28.08
CA MET B 142 -12.74 -0.64 -27.77
C MET B 142 -11.54 -1.40 -28.35
N ARG B 143 -11.52 -2.72 -28.17
CA ARG B 143 -10.46 -3.57 -28.69
C ARG B 143 -10.40 -3.50 -30.21
N LYS B 144 -11.56 -3.44 -30.87
CA LYS B 144 -11.56 -3.28 -32.33
C LYS B 144 -10.94 -1.93 -32.71
N LYS B 145 -11.23 -0.88 -31.95
CA LYS B 145 -10.53 0.39 -32.16
C LYS B 145 -9.11 0.38 -31.62
N GLY B 146 -8.75 -0.55 -30.74
CA GLY B 146 -7.42 -0.49 -30.14
C GLY B 146 -7.20 0.63 -29.14
N TRP B 147 -8.27 1.21 -28.59
CA TRP B 147 -8.17 2.33 -27.67
C TRP B 147 -9.40 2.34 -26.78
N GLY B 148 -9.17 2.55 -25.48
CA GLY B 148 -10.26 2.54 -24.51
C GLY B 148 -9.82 3.08 -23.17
N ARG B 149 -10.75 3.68 -22.45
CA ARG B 149 -10.46 4.21 -21.13
C ARG B 149 -11.56 3.75 -20.20
N ILE B 150 -11.18 3.11 -19.09
CA ILE B 150 -12.11 2.77 -18.01
C ILE B 150 -11.67 3.52 -16.75
N VAL B 151 -12.59 4.28 -16.16
CA VAL B 151 -12.36 4.93 -14.87
C VAL B 151 -13.38 4.39 -13.87
N ASN B 152 -12.88 3.66 -12.87
CA ASN B 152 -13.65 3.27 -11.70
C ASN B 152 -13.51 4.33 -10.63
N PHE B 153 -14.46 4.33 -9.69
CA PHE B 153 -14.38 5.26 -8.57
C PHE B 153 -13.98 4.47 -7.33
N ALA B 154 -12.76 4.73 -6.86
CA ALA B 154 -12.34 4.22 -5.58
C ALA B 154 -12.83 5.20 -4.51
N SER B 155 -12.23 5.20 -3.33
CA SER B 155 -12.79 5.91 -2.19
C SER B 155 -11.70 6.04 -1.14
N LEU B 156 -11.90 6.95 -0.19
CA LEU B 156 -11.05 6.90 1.00
C LEU B 156 -11.24 5.57 1.73
N GLN B 157 -12.42 4.97 1.62
CA GLN B 157 -12.72 3.68 2.21
C GLN B 157 -12.18 2.53 1.36
N THR B 158 -11.38 2.82 0.33
CA THR B 158 -10.56 1.78 -0.26
C THR B 158 -9.50 1.30 0.71
N THR B 159 -9.00 2.19 1.57
CA THR B 159 -7.97 1.87 2.55
C THR B 159 -8.36 2.24 3.98
N ARG B 160 -9.39 3.03 4.20
CA ARG B 160 -9.66 3.55 5.54
C ARG B 160 -11.11 3.28 5.92
N ALA B 161 -11.31 2.56 7.02
CA ALA B 161 -12.66 2.18 7.47
C ALA B 161 -13.30 3.32 8.27
N PHE B 162 -14.45 3.83 7.79
CA PHE B 162 -15.21 4.89 8.42
C PHE B 162 -16.47 4.31 9.04
N PRO B 163 -17.02 4.95 10.07
CA PRO B 163 -18.29 4.50 10.66
C PRO B 163 -19.37 4.25 9.62
N GLY B 164 -20.05 3.11 9.75
CA GLY B 164 -21.14 2.76 8.86
C GLY B 164 -20.75 2.35 7.45
N GLY B 165 -19.50 2.03 7.17
CA GLY B 165 -19.14 1.79 5.78
C GLY B 165 -18.72 0.38 5.39
N ILE B 166 -19.09 -0.64 6.17
CA ILE B 166 -18.47 -1.96 6.00
C ILE B 166 -18.77 -2.55 4.61
N ALA B 167 -20.03 -2.53 4.18
CA ALA B 167 -20.34 -3.03 2.83
C ALA B 167 -19.68 -2.16 1.77
N TYR B 168 -19.81 -0.84 1.94
CA TYR B 168 -19.21 0.12 1.03
C TYR B 168 -17.71 -0.10 0.93
N GLY B 169 -17.04 -0.17 2.09
CA GLY B 169 -15.61 -0.43 2.10
C GLY B 169 -15.24 -1.74 1.44
N ALA B 170 -16.03 -2.79 1.66
CA ALA B 170 -15.76 -4.05 0.98
C ALA B 170 -15.70 -3.83 -0.52
N THR B 171 -16.71 -3.13 -1.06
CA THR B 171 -16.77 -2.94 -2.51
C THR B 171 -15.69 -1.99 -3.02
N LYS B 172 -15.27 -1.04 -2.20
CA LYS B 172 -14.28 -0.07 -2.67
C LYS B 172 -12.87 -0.61 -2.57
N GLY B 173 -12.57 -1.46 -1.57
CA GLY B 173 -11.35 -2.24 -1.65
C GLY B 173 -11.37 -3.21 -2.82
N GLY B 174 -12.55 -3.79 -3.09
CA GLY B 174 -12.68 -4.65 -4.27
C GLY B 174 -12.42 -3.92 -5.56
N ILE B 175 -12.86 -2.64 -5.65
CA ILE B 175 -12.70 -1.86 -6.87
C ILE B 175 -11.22 -1.67 -7.22
N ALA B 176 -10.37 -1.52 -6.22
CA ALA B 176 -8.93 -1.41 -6.44
C ALA B 176 -8.35 -2.62 -7.19
N GLN B 177 -8.59 -3.82 -6.65
CA GLN B 177 -8.08 -5.01 -7.32
C GLN B 177 -8.83 -5.29 -8.61
N LEU B 178 -10.11 -4.96 -8.67
CA LEU B 178 -10.84 -5.13 -9.91
C LEU B 178 -10.23 -4.27 -11.02
N THR B 179 -9.85 -3.03 -10.69
CA THR B 179 -9.20 -2.14 -11.65
C THR B 179 -7.89 -2.74 -12.13
N ARG B 180 -7.08 -3.28 -11.20
CA ARG B 180 -5.86 -3.98 -11.63
C ARG B 180 -6.17 -5.15 -12.55
N ALA B 181 -7.16 -5.97 -12.19
CA ALA B 181 -7.53 -7.12 -13.01
C ALA B 181 -7.99 -6.69 -14.39
N MET B 182 -8.77 -5.61 -14.47
CA MET B 182 -9.19 -5.10 -15.77
C MET B 182 -7.99 -4.68 -16.60
N ALA B 183 -7.02 -4.04 -15.95
CA ALA B 183 -5.78 -3.71 -16.64
C ALA B 183 -5.09 -4.96 -17.16
N GLU B 184 -4.97 -6.00 -16.32
CA GLU B 184 -4.23 -7.19 -16.74
C GLU B 184 -4.93 -7.85 -17.92
N ALA B 185 -6.28 -7.83 -17.90
CA ALA B 185 -7.01 -8.50 -18.97
C ALA B 185 -6.97 -7.70 -20.26
N TRP B 186 -7.10 -6.38 -20.18
CA TRP B 186 -7.48 -5.60 -21.35
C TRP B 186 -6.47 -4.58 -21.80
N SER B 187 -5.48 -4.20 -20.97
CA SER B 187 -4.53 -3.19 -21.39
C SER B 187 -3.67 -3.61 -22.59
N PRO B 188 -3.45 -4.90 -22.87
CA PRO B 188 -2.74 -5.24 -24.10
C PRO B 188 -3.47 -4.79 -25.37
N ASP B 189 -4.76 -4.50 -25.28
CA ASP B 189 -5.57 -4.13 -26.43
C ASP B 189 -5.77 -2.63 -26.55
N GLY B 190 -5.02 -1.85 -25.78
CA GLY B 190 -5.16 -0.42 -25.78
C GLY B 190 -6.18 0.13 -24.82
N ILE B 191 -6.74 -0.70 -23.94
CA ILE B 191 -7.74 -0.28 -22.95
C ILE B 191 -7.05 -0.11 -21.61
N THR B 192 -6.90 1.12 -21.13
CA THR B 192 -6.39 1.31 -19.78
C THR B 192 -7.55 1.29 -18.79
N ALA B 193 -7.21 0.96 -17.53
CA ALA B 193 -8.21 0.90 -16.47
C ALA B 193 -7.61 1.49 -15.22
N ASN B 194 -8.22 2.55 -14.72
CA ASN B 194 -7.68 3.22 -13.56
C ASN B 194 -8.85 3.58 -12.66
N ALA B 195 -8.53 3.90 -11.43
CA ALA B 195 -9.58 4.25 -10.49
C ALA B 195 -9.22 5.60 -9.90
N ILE B 196 -10.17 6.50 -9.93
CA ILE B 196 -10.01 7.79 -9.29
C ILE B 196 -10.66 7.69 -7.91
N GLY B 197 -9.96 8.17 -6.89
CA GLY B 197 -10.43 8.10 -5.53
C GLY B 197 -10.63 9.46 -4.92
N PRO B 198 -11.83 10.03 -5.10
CA PRO B 198 -12.16 11.33 -4.47
C PRO B 198 -12.13 11.27 -2.96
N GLY B 199 -11.69 12.37 -2.36
CA GLY B 199 -11.93 12.62 -0.95
C GLY B 199 -13.36 13.07 -0.71
N PHE B 200 -13.56 14.03 0.20
CA PHE B 200 -14.91 14.48 0.54
C PHE B 200 -15.28 15.67 -0.35
N PHE B 201 -16.26 15.46 -1.23
CA PHE B 201 -16.88 16.45 -2.11
C PHE B 201 -18.36 16.57 -1.79
N PRO B 202 -18.97 17.74 -1.99
CA PRO B 202 -20.44 17.80 -1.87
C PRO B 202 -21.06 17.00 -3.01
N THR B 203 -21.56 15.79 -2.78
CA THR B 203 -22.07 14.95 -3.87
C THR B 203 -23.33 14.27 -3.38
N GLU B 204 -23.91 13.43 -4.23
CA GLU B 204 -24.95 12.56 -3.74
C GLU B 204 -24.41 11.71 -2.59
N LEU B 205 -23.31 10.94 -2.79
CA LEU B 205 -22.87 10.03 -1.71
C LEU B 205 -22.57 10.75 -0.41
N THR B 206 -22.52 12.07 -0.43
CA THR B 206 -22.25 12.80 0.80
C THR B 206 -23.47 13.64 1.15
N ALA B 207 -23.24 14.76 1.86
CA ALA B 207 -24.26 15.62 2.43
C ALA B 207 -24.79 15.05 3.75
N ALA B 208 -24.65 13.74 3.97
CA ALA B 208 -24.65 13.30 5.36
C ALA B 208 -23.45 13.91 6.06
N VAL B 209 -22.35 14.08 5.32
CA VAL B 209 -21.13 14.70 5.83
C VAL B 209 -21.18 16.23 5.74
N PHE B 210 -21.70 16.77 4.62
CA PHE B 210 -21.52 18.19 4.35
C PHE B 210 -22.62 19.07 4.92
N GLU B 211 -23.71 18.47 5.39
CA GLU B 211 -24.74 19.20 6.12
C GLU B 211 -24.50 19.15 7.63
N ASP B 212 -23.47 18.41 8.06
CA ASP B 212 -22.96 18.45 9.42
C ASP B 212 -21.67 19.29 9.33
N ASP B 213 -21.78 20.57 9.70
CA ASP B 213 -20.67 21.50 9.55
C ASP B 213 -19.43 21.06 10.30
N ALA B 214 -19.59 20.59 11.55
CA ALA B 214 -18.44 20.17 12.35
C ALA B 214 -17.72 18.99 11.71
N ARG B 215 -18.48 18.04 11.17
CA ARG B 215 -17.83 16.90 10.54
C ARG B 215 -17.11 17.32 9.28
N ALA B 216 -17.70 18.21 8.49
CA ALA B 216 -17.03 18.72 7.29
C ALA B 216 -15.75 19.45 7.67
N ALA B 217 -15.76 20.17 8.80
CA ALA B 217 -14.56 20.88 9.25
C ALA B 217 -13.46 19.91 9.71
N ARG B 218 -13.83 18.86 10.44
CA ARG B 218 -12.86 17.84 10.82
C ARG B 218 -12.24 17.19 9.59
N ASN B 219 -13.10 16.77 8.64
CA ASN B 219 -12.61 16.16 7.40
C ASN B 219 -11.70 17.11 6.63
N ALA B 220 -12.04 18.40 6.59
CA ALA B 220 -11.18 19.36 5.90
C ALA B 220 -9.81 19.45 6.56
N ALA B 221 -9.79 19.44 7.90
CA ALA B 221 -8.55 19.53 8.64
C ALA B 221 -7.70 18.27 8.53
N GLN B 222 -8.32 17.12 8.19
CA GLN B 222 -7.56 15.89 8.00
C GLN B 222 -6.76 15.89 6.71
N THR B 223 -7.08 16.74 5.74
CA THR B 223 -6.29 16.83 4.52
C THR B 223 -5.00 17.62 4.74
N CYS B 224 -4.04 17.45 3.82
CA CYS B 224 -2.85 18.29 3.85
C CYS B 224 -3.17 19.75 3.49
N ILE B 225 -4.08 20.00 2.55
CA ILE B 225 -4.36 21.38 2.16
C ILE B 225 -5.13 22.11 3.25
N GLY B 226 -6.12 21.45 3.84
CA GLY B 226 -6.95 22.06 4.86
C GLY B 226 -8.35 22.39 4.41
N ARG B 227 -8.81 21.81 3.30
CA ARG B 227 -10.14 22.04 2.77
C ARG B 227 -10.68 20.74 2.17
N ASN B 228 -12.01 20.68 2.03
CA ASN B 228 -12.70 19.65 1.27
C ASN B 228 -12.65 19.97 -0.24
N GLY B 229 -13.03 18.99 -1.05
CA GLY B 229 -13.00 19.19 -2.49
C GLY B 229 -14.16 20.03 -2.99
N THR B 230 -13.92 20.73 -4.09
CA THR B 230 -14.98 21.30 -4.92
C THR B 230 -15.01 20.54 -6.25
N LEU B 231 -16.16 20.59 -6.92
CA LEU B 231 -16.36 19.72 -8.08
C LEU B 231 -15.28 19.94 -9.13
N SER B 232 -14.87 21.21 -9.32
CA SER B 232 -13.85 21.57 -10.30
C SER B 232 -12.51 20.86 -10.03
N ASP B 233 -12.20 20.56 -8.77
CA ASP B 233 -11.01 19.77 -8.45
C ASP B 233 -10.93 18.48 -9.26
N MET B 234 -12.08 17.93 -9.67
CA MET B 234 -12.10 16.66 -10.38
C MET B 234 -11.96 16.79 -11.89
N ASP B 235 -11.96 18.01 -12.44
CA ASP B 235 -11.93 18.16 -13.89
C ASP B 235 -10.63 17.62 -14.49
N GLY B 236 -9.49 18.10 -14.01
CA GLY B 236 -8.18 17.68 -14.47
C GLY B 236 -7.91 16.20 -14.33
N PRO B 237 -8.09 15.64 -13.13
CA PRO B 237 -7.88 14.19 -12.98
C PRO B 237 -8.71 13.36 -13.94
N ILE B 238 -10.02 13.63 -14.01
CA ILE B 238 -10.88 12.89 -14.94
C ILE B 238 -10.35 13.00 -16.36
N LEU B 239 -10.10 14.22 -16.81
CA LEU B 239 -9.60 14.36 -18.17
C LEU B 239 -8.25 13.67 -18.31
N PHE B 240 -7.36 13.81 -17.30
CA PHE B 240 -6.09 13.11 -17.34
C PHE B 240 -6.29 11.64 -17.63
N LEU B 241 -7.21 11.01 -16.90
CA LEU B 241 -7.37 9.57 -17.03
C LEU B 241 -8.17 9.18 -18.26
N CYS B 242 -8.85 10.11 -18.89
CA CYS B 242 -9.72 9.73 -20.00
C CYS B 242 -9.12 10.03 -21.36
N SER B 243 -7.89 10.52 -21.41
CA SER B 243 -7.32 11.08 -22.63
C SER B 243 -6.04 10.31 -23.00
N ASP B 244 -5.43 10.75 -24.13
CA ASP B 244 -4.13 10.20 -24.54
C ASP B 244 -3.02 10.45 -23.53
N ALA B 245 -3.16 11.48 -22.68
CA ALA B 245 -2.10 11.82 -21.73
C ALA B 245 -1.75 10.67 -20.79
N SER B 246 -2.68 9.74 -20.53
CA SER B 246 -2.47 8.67 -19.56
C SER B 246 -2.27 7.30 -20.22
N ALA B 247 -1.75 7.27 -21.45
CA ALA B 247 -1.66 6.02 -22.19
C ALA B 247 -0.83 4.95 -21.47
N TYR B 248 0.18 5.35 -20.69
CA TYR B 248 1.05 4.39 -20.01
C TYR B 248 0.74 4.33 -18.50
N VAL B 249 -0.43 4.83 -18.12
CA VAL B 249 -0.93 4.74 -16.77
C VAL B 249 -2.07 3.73 -16.81
N THR B 250 -1.91 2.60 -16.14
CA THR B 250 -3.02 1.67 -16.11
C THR B 250 -2.94 0.83 -14.86
N GLY B 251 -4.11 0.41 -14.39
CA GLY B 251 -4.21 -0.32 -13.14
C GLY B 251 -3.81 0.48 -11.92
N GLN B 252 -3.98 1.79 -11.95
CA GLN B 252 -3.60 2.67 -10.83
C GLN B 252 -4.83 3.23 -10.12
N VAL B 253 -4.66 3.50 -8.82
CA VAL B 253 -5.63 4.29 -8.05
C VAL B 253 -5.04 5.67 -7.84
N LEU B 254 -5.74 6.70 -8.29
CA LEU B 254 -5.30 8.08 -8.16
C LEU B 254 -6.24 8.79 -7.18
N MET B 255 -5.75 9.07 -5.97
CA MET B 255 -6.53 9.72 -4.95
C MET B 255 -6.57 11.22 -5.24
N VAL B 256 -7.78 11.79 -5.21
CA VAL B 256 -7.98 13.22 -5.40
C VAL B 256 -8.58 13.73 -4.11
N ASP B 257 -7.75 13.95 -3.10
CA ASP B 257 -8.27 13.99 -1.73
C ASP B 257 -7.56 15.03 -0.87
N GLY B 258 -6.83 15.97 -1.47
CA GLY B 258 -6.12 17.02 -0.76
C GLY B 258 -5.11 16.55 0.25
N GLY B 259 -4.62 15.32 0.12
CA GLY B 259 -3.70 14.75 1.10
C GLY B 259 -4.33 14.06 2.29
N PHE B 260 -5.65 13.83 2.29
CA PHE B 260 -6.28 13.04 3.36
C PHE B 260 -5.49 11.77 3.70
N THR B 261 -5.09 11.02 2.67
CA THR B 261 -4.39 9.77 2.88
C THR B 261 -2.91 9.98 3.17
N ALA B 262 -2.37 11.17 2.93
CA ALA B 262 -0.98 11.40 3.27
C ALA B 262 -0.77 11.63 4.76
N LYS B 263 -1.84 11.79 5.56
CA LYS B 263 -1.73 12.07 6.99
C LYS B 263 -2.36 11.00 7.91
N HIS C 16 8.26 -24.01 20.78
CA HIS C 16 8.93 -24.93 19.88
C HIS C 16 9.12 -24.24 18.54
N LEU C 17 8.01 -23.83 17.94
CA LEU C 17 8.06 -22.80 16.91
C LEU C 17 8.61 -21.51 17.47
N PHE C 18 8.32 -21.24 18.75
CA PHE C 18 8.70 -20.00 19.41
C PHE C 18 9.87 -20.18 20.39
N ASP C 19 10.54 -21.32 20.35
CA ASP C 19 11.68 -21.57 21.23
C ASP C 19 12.95 -20.97 20.62
N LEU C 20 13.63 -20.11 21.39
CA LEU C 20 14.86 -19.48 20.90
C LEU C 20 16.10 -20.01 21.62
N SER C 21 15.96 -21.15 22.29
CA SER C 21 17.12 -21.79 22.92
C SER C 21 18.20 -22.07 21.88
N GLY C 22 19.43 -21.71 22.22
CA GLY C 22 20.55 -21.85 21.31
C GLY C 22 20.72 -20.72 20.32
N LYS C 23 19.88 -19.70 20.37
CA LYS C 23 20.01 -18.57 19.48
C LYS C 23 20.58 -17.39 20.25
N VAL C 24 21.30 -16.52 19.55
CA VAL C 24 21.81 -15.28 20.13
C VAL C 24 21.16 -14.12 19.39
N ALA C 25 20.65 -13.15 20.16
CA ALA C 25 20.05 -11.93 19.65
C ALA C 25 20.87 -10.72 20.07
N CYS C 26 21.08 -9.80 19.13
CA CYS C 26 21.55 -8.46 19.44
C CYS C 26 20.39 -7.48 19.24
N ILE C 27 20.14 -6.65 20.25
CA ILE C 27 19.11 -5.62 20.22
C ILE C 27 19.77 -4.26 20.41
N THR C 28 19.60 -3.39 19.43
CA THR C 28 20.04 -2.00 19.57
C THR C 28 18.95 -1.18 20.23
N GLY C 29 19.35 -0.02 20.76
CA GLY C 29 18.43 0.78 21.56
C GLY C 29 17.89 0.04 22.76
N ALA C 30 18.71 -0.81 23.38
CA ALA C 30 18.18 -1.78 24.31
C ALA C 30 17.99 -1.23 25.71
N SER C 31 18.38 0.02 25.96
CA SER C 31 18.40 0.50 27.33
C SER C 31 17.07 1.10 27.75
N SER C 32 16.13 1.30 26.82
CA SER C 32 14.84 1.86 27.17
C SER C 32 13.79 1.34 26.21
N GLY C 33 12.53 1.56 26.59
CA GLY C 33 11.38 1.35 25.72
C GLY C 33 11.33 0.01 24.99
N LEU C 34 11.17 0.10 23.67
CA LEU C 34 10.82 -1.09 22.91
C LEU C 34 12.01 -2.01 22.76
N GLY C 35 13.21 -1.45 22.58
CA GLY C 35 14.40 -2.28 22.55
C GLY C 35 14.60 -3.06 23.84
N ARG C 36 14.41 -2.39 24.99
CA ARG C 36 14.53 -3.06 26.27
C ARG C 36 13.53 -4.20 26.40
N ARG C 37 12.26 -3.94 26.07
CA ARG C 37 11.24 -4.97 26.19
C ARG C 37 11.53 -6.13 25.24
N ALA C 38 12.01 -5.83 24.03
CA ALA C 38 12.40 -6.86 23.08
C ALA C 38 13.47 -7.77 23.65
N ALA C 39 14.49 -7.17 24.30
CA ALA C 39 15.52 -7.98 24.93
C ALA C 39 14.90 -8.89 25.98
N LEU C 40 14.00 -8.35 26.82
CA LEU C 40 13.33 -9.16 27.83
C LEU C 40 12.58 -10.34 27.19
N THR C 41 11.81 -10.06 26.13
CA THR C 41 11.01 -11.10 25.49
C THR C 41 11.88 -12.19 24.89
N LEU C 42 12.93 -11.79 24.17
CA LEU C 42 13.78 -12.80 23.54
C LEU C 42 14.51 -13.63 24.60
N ALA C 43 14.99 -12.98 25.67
CA ALA C 43 15.63 -13.74 26.74
C ALA C 43 14.64 -14.71 27.39
N ALA C 44 13.39 -14.27 27.61
CA ALA C 44 12.38 -15.15 28.18
C ALA C 44 12.05 -16.31 27.26
N ALA C 45 12.27 -16.17 25.97
CA ALA C 45 12.07 -17.27 25.04
C ALA C 45 13.29 -18.17 24.93
N GLY C 46 14.30 -17.96 25.77
CA GLY C 46 15.46 -18.83 25.82
C GLY C 46 16.70 -18.34 25.09
N ALA C 47 16.66 -17.17 24.46
CA ALA C 47 17.81 -16.66 23.73
C ALA C 47 18.83 -15.99 24.66
N LYS C 48 20.10 -16.08 24.29
CA LYS C 48 21.10 -15.17 24.82
C LYS C 48 20.95 -13.81 24.12
N VAL C 49 20.97 -12.72 24.88
CA VAL C 49 20.74 -11.41 24.30
C VAL C 49 21.93 -10.51 24.60
N VAL C 50 22.31 -9.71 23.62
CA VAL C 50 23.28 -8.63 23.77
C VAL C 50 22.54 -7.32 23.56
N GLY C 51 22.38 -6.55 24.63
CA GLY C 51 21.81 -5.23 24.53
C GLY C 51 22.87 -4.19 24.21
N VAL C 52 22.58 -3.34 23.22
CA VAL C 52 23.49 -2.29 22.77
C VAL C 52 22.87 -0.95 23.10
N ALA C 53 23.65 -0.07 23.72
CA ALA C 53 23.19 1.30 23.94
C ALA C 53 24.38 2.21 24.21
N ARG C 54 24.08 3.51 24.30
CA ARG C 54 25.15 4.47 24.53
C ARG C 54 25.68 4.48 25.98
N ARG C 55 24.84 4.42 27.01
CA ARG C 55 25.41 4.63 28.34
C ARG C 55 25.17 3.41 29.21
N ALA C 56 26.22 3.02 29.93
CA ALA C 56 26.32 1.70 30.52
C ALA C 56 25.26 1.41 31.57
N ASP C 57 24.85 2.41 32.34
CA ASP C 57 24.28 2.11 33.64
C ASP C 57 22.91 1.42 33.44
N ALA C 58 22.12 1.93 32.49
CA ALA C 58 20.83 1.33 32.16
C ALA C 58 20.96 -0.07 31.57
N LEU C 59 21.94 -0.28 30.70
CA LEU C 59 22.18 -1.64 30.21
C LEU C 59 22.52 -2.57 31.36
N ASP C 60 23.24 -2.05 32.37
CA ASP C 60 23.58 -2.90 33.50
C ASP C 60 22.31 -3.26 34.27
N ASN C 61 21.43 -2.29 34.47
CA ASN C 61 20.14 -2.59 35.08
C ASN C 61 19.42 -3.70 34.33
N LEU C 62 19.32 -3.56 33.00
CA LEU C 62 18.62 -4.56 32.18
C LEU C 62 19.26 -5.93 32.33
N CYS C 63 20.60 -5.98 32.29
CA CYS C 63 21.29 -7.26 32.42
C CYS C 63 21.04 -7.87 33.79
N ALA C 64 20.96 -7.04 34.84
CA ALA C 64 20.65 -7.55 36.16
C ALA C 64 19.26 -8.17 36.18
N GLU C 65 18.29 -7.49 35.59
CA GLU C 65 16.94 -8.06 35.51
C GLU C 65 16.95 -9.39 34.76
N ILE C 66 17.76 -9.50 33.71
CA ILE C 66 17.73 -10.73 32.91
C ILE C 66 18.59 -11.82 33.55
N GLY C 67 19.78 -11.46 34.03
CA GLY C 67 20.71 -12.43 34.55
C GLY C 67 21.74 -12.85 33.51
N PRO C 68 22.28 -14.06 33.66
CA PRO C 68 23.47 -14.46 32.88
C PRO C 68 23.22 -14.67 31.39
N ALA C 69 21.97 -14.69 30.94
CA ALA C 69 21.76 -14.77 29.50
C ALA C 69 21.94 -13.43 28.79
N ALA C 70 22.07 -12.32 29.54
CA ALA C 70 22.20 -10.97 29.00
C ALA C 70 23.63 -10.46 29.07
N ALA C 71 24.11 -9.86 28.00
CA ALA C 71 25.34 -9.09 27.99
C ALA C 71 25.06 -7.68 27.50
N ALA C 72 25.93 -6.75 27.88
CA ALA C 72 25.75 -5.33 27.56
C ALA C 72 26.92 -4.85 26.71
N VAL C 73 26.63 -4.12 25.64
CA VAL C 73 27.66 -3.49 24.83
C VAL C 73 27.35 -2.00 24.73
N VAL C 74 28.33 -1.18 25.06
CA VAL C 74 28.22 0.27 24.94
C VAL C 74 28.77 0.66 23.59
N ALA C 75 27.93 1.26 22.75
CA ALA C 75 28.42 1.65 21.44
C ALA C 75 27.44 2.65 20.83
N ASP C 76 27.99 3.50 19.97
CA ASP C 76 27.20 4.37 19.11
C ASP C 76 27.06 3.65 17.77
N VAL C 77 25.92 2.98 17.56
CA VAL C 77 25.77 2.17 16.35
C VAL C 77 25.70 3.02 15.09
N ALA C 78 25.52 4.32 15.22
CA ALA C 78 25.56 5.21 14.08
C ALA C 78 26.98 5.58 13.66
N SER C 79 27.99 5.29 14.49
CA SER C 79 29.36 5.69 14.20
C SER C 79 30.00 4.77 13.16
N ARG C 80 30.46 5.37 12.06
CA ARG C 80 31.15 4.62 11.01
C ARG C 80 32.51 4.14 11.48
N ASP C 81 33.28 5.02 12.12
CA ASP C 81 34.57 4.61 12.70
C ASP C 81 34.41 3.43 13.64
N GLY C 82 33.35 3.44 14.44
CA GLY C 82 33.12 2.46 15.50
C GLY C 82 32.61 1.11 15.07
N LEU C 83 32.21 0.96 13.80
CA LEU C 83 31.43 -0.21 13.37
C LEU C 83 32.18 -1.51 13.63
N GLU C 84 33.45 -1.58 13.21
CA GLU C 84 34.23 -2.80 13.39
C GLU C 84 34.34 -3.21 14.86
N ARG C 85 34.75 -2.31 15.77
CA ARG C 85 34.74 -2.72 17.17
C ARG C 85 33.33 -2.89 17.72
N THR C 86 32.34 -2.10 17.27
CA THR C 86 30.97 -2.36 17.73
C THR C 86 30.60 -3.82 17.46
N VAL C 87 30.93 -4.30 16.26
CA VAL C 87 30.61 -5.67 15.85
C VAL C 87 31.39 -6.67 16.68
N ALA C 88 32.69 -6.42 16.90
CA ALA C 88 33.47 -7.34 17.72
C ALA C 88 32.90 -7.44 19.12
N ASP C 89 32.57 -6.30 19.73
CA ASP C 89 32.08 -6.31 21.10
C ASP C 89 30.72 -7.02 21.20
N ILE C 90 29.86 -6.85 20.18
CA ILE C 90 28.59 -7.58 20.16
C ILE C 90 28.85 -9.07 20.07
N SER C 91 29.83 -9.48 19.27
CA SER C 91 30.12 -10.90 19.10
C SER C 91 30.86 -11.54 20.27
N ALA C 92 31.47 -10.75 21.16
CA ALA C 92 32.37 -11.34 22.15
C ALA C 92 31.67 -12.22 23.17
N PRO C 93 30.64 -11.77 23.90
CA PRO C 93 30.13 -12.61 25.01
C PRO C 93 29.59 -13.97 24.59
N PHE C 94 28.77 -14.04 23.54
CA PHE C 94 28.09 -15.30 23.22
C PHE C 94 28.35 -15.79 21.80
N GLY C 95 29.24 -15.17 21.05
CA GLY C 95 29.38 -15.53 19.65
C GLY C 95 28.55 -14.65 18.72
N ALA C 96 28.61 -14.98 17.43
CA ALA C 96 27.89 -14.22 16.43
C ALA C 96 26.38 -14.32 16.65
N PRO C 97 25.65 -13.21 16.63
CA PRO C 97 24.18 -13.28 16.79
C PRO C 97 23.48 -13.89 15.60
N ASP C 98 22.37 -14.57 15.90
CA ASP C 98 21.43 -15.10 14.92
C ASP C 98 20.29 -14.15 14.63
N ILE C 99 19.97 -13.29 15.60
CA ILE C 99 18.80 -12.42 15.54
C ILE C 99 19.29 -11.00 15.73
N LEU C 100 18.77 -10.09 14.94
CA LEU C 100 19.18 -8.70 15.02
C LEU C 100 17.93 -7.85 15.09
N VAL C 101 17.76 -7.11 16.17
CA VAL C 101 16.59 -6.26 16.35
C VAL C 101 17.07 -4.82 16.42
N HIS C 102 16.72 -4.02 15.40
CA HIS C 102 17.20 -2.64 15.27
C HIS C 102 16.18 -1.65 15.86
N ALA C 103 16.15 -1.58 17.19
CA ALA C 103 15.23 -0.68 17.88
C ALA C 103 15.80 0.70 18.16
N ALA C 104 17.07 0.96 17.87
CA ALA C 104 17.62 2.30 18.04
C ALA C 104 17.04 3.25 16.99
N GLY C 105 16.63 4.44 17.42
CA GLY C 105 16.11 5.43 16.49
C GLY C 105 16.10 6.81 17.13
N VAL C 106 15.93 7.82 16.31
CA VAL C 106 15.78 9.20 16.79
C VAL C 106 14.73 9.93 15.95
N ASN C 107 13.96 10.77 16.61
CA ASN C 107 13.08 11.74 15.93
C ASN C 107 13.40 13.13 16.49
N THR C 108 14.10 13.94 15.69
CA THR C 108 14.50 15.28 16.10
C THR C 108 13.30 16.23 16.24
N ARG C 109 12.17 15.89 15.62
CA ARG C 109 10.94 16.69 15.65
C ARG C 109 11.06 18.05 14.96
N GLU C 110 12.10 18.26 14.15
CA GLU C 110 12.22 19.50 13.39
C GLU C 110 11.21 19.53 12.24
N ALA C 111 10.29 20.50 12.25
CA ALA C 111 9.39 20.66 11.11
C ALA C 111 10.17 21.07 9.88
N ALA C 112 9.53 20.91 8.71
CA ALA C 112 10.22 21.05 7.42
C ALA C 112 11.02 22.36 7.32
N ASP C 113 10.38 23.49 7.61
CA ASP C 113 11.07 24.77 7.46
C ASP C 113 12.08 25.04 8.57
N ASP C 114 12.18 24.18 9.58
CA ASP C 114 13.19 24.33 10.62
C ASP C 114 14.29 23.29 10.54
N VAL C 115 14.28 22.39 9.56
CA VAL C 115 15.24 21.29 9.53
C VAL C 115 16.66 21.82 9.38
N THR C 116 17.58 21.28 10.18
CA THR C 116 18.99 21.57 10.10
C THR C 116 19.72 20.41 9.43
N PHE C 117 20.89 20.72 8.87
CA PHE C 117 21.77 19.69 8.34
C PHE C 117 22.07 18.63 9.38
N ASN C 118 22.36 19.06 10.62
CA ASN C 118 22.77 18.11 11.64
C ASN C 118 21.62 17.22 12.08
N GLY C 119 20.43 17.80 12.27
CA GLY C 119 19.27 16.98 12.62
C GLY C 119 18.93 15.97 11.53
N TRP C 120 18.91 16.43 10.28
CA TRP C 120 18.64 15.54 9.14
C TRP C 120 19.68 14.42 9.06
N ASP C 121 20.97 14.79 9.05
CA ASP C 121 22.03 13.81 8.92
C ASP C 121 22.02 12.82 10.08
N GLN C 122 21.76 13.28 11.30
CA GLN C 122 21.73 12.35 12.42
C GLN C 122 20.53 11.38 12.32
N THR C 123 19.39 11.87 11.82
CA THR C 123 18.25 10.98 11.61
C THR C 123 18.57 9.92 10.56
N LEU C 124 19.13 10.33 9.42
CA LEU C 124 19.48 9.37 8.38
C LEU C 124 20.54 8.39 8.86
N ALA C 125 21.57 8.88 9.55
CA ALA C 125 22.64 8.00 10.01
C ALA C 125 22.13 6.93 10.97
N LEU C 126 21.28 7.29 11.93
CA LEU C 126 20.86 6.28 12.92
C LEU C 126 19.71 5.39 12.42
N ASN C 127 18.74 5.98 11.70
CA ASN C 127 17.51 5.27 11.40
C ASN C 127 17.60 4.39 10.15
N LEU C 128 18.46 4.75 9.20
CA LEU C 128 18.52 4.07 7.91
C LEU C 128 19.88 3.43 7.66
N SER C 129 20.97 4.20 7.78
CA SER C 129 22.29 3.65 7.44
C SER C 129 22.76 2.65 8.49
N ALA C 130 22.56 2.96 9.77
CA ALA C 130 23.00 2.06 10.82
C ALA C 130 22.42 0.66 10.68
N PRO C 131 21.10 0.47 10.56
CA PRO C 131 20.59 -0.91 10.44
C PRO C 131 21.17 -1.66 9.25
N PHE C 132 21.37 -0.98 8.12
CA PHE C 132 21.92 -1.67 6.97
C PHE C 132 23.36 -2.14 7.23
N PHE C 133 24.24 -1.22 7.62
CA PHE C 133 25.64 -1.63 7.78
C PHE C 133 25.82 -2.61 8.95
N LEU C 134 25.03 -2.48 10.03
CA LEU C 134 25.10 -3.48 11.10
C LEU C 134 24.63 -4.86 10.64
N SER C 135 23.48 -4.90 9.93
CA SER C 135 23.02 -6.17 9.38
C SER C 135 24.04 -6.77 8.43
N LYS C 136 24.64 -5.93 7.58
CA LYS C 136 25.62 -6.38 6.59
C LYS C 136 26.81 -7.02 7.27
N ALA C 137 27.28 -6.43 8.37
CA ALA C 137 28.37 -7.02 9.13
C ALA C 137 27.99 -8.39 9.68
N PHE C 138 26.72 -8.57 10.07
CA PHE C 138 26.37 -9.85 10.73
C PHE C 138 25.86 -10.93 9.79
N VAL C 139 25.46 -10.57 8.56
CA VAL C 139 24.85 -11.57 7.67
C VAL C 139 25.76 -12.76 7.38
N PRO C 140 27.08 -12.59 7.14
CA PRO C 140 27.91 -13.77 6.79
C PRO C 140 27.86 -14.96 7.75
N GLU C 141 27.85 -14.73 9.07
CA GLU C 141 27.75 -15.85 10.00
C GLU C 141 26.36 -16.47 10.00
N MET C 142 25.32 -15.65 9.80
CA MET C 142 23.97 -16.19 9.67
C MET C 142 23.90 -17.11 8.46
N ARG C 143 24.46 -16.65 7.34
CA ARG C 143 24.48 -17.43 6.11
C ARG C 143 25.27 -18.73 6.29
N LYS C 144 26.37 -18.69 7.05
CA LYS C 144 27.09 -19.92 7.31
C LYS C 144 26.22 -20.89 8.09
N LYS C 145 25.47 -20.39 9.08
CA LYS C 145 24.47 -21.23 9.76
C LYS C 145 23.23 -21.49 8.92
N GLY C 146 22.97 -20.69 7.88
CA GLY C 146 21.73 -20.87 7.14
C GLY C 146 20.45 -20.41 7.84
N TRP C 147 20.56 -19.56 8.85
CA TRP C 147 19.38 -19.15 9.61
C TRP C 147 19.66 -17.77 10.20
N GLY C 148 18.67 -16.88 10.11
CA GLY C 148 18.82 -15.53 10.60
C GLY C 148 17.50 -14.78 10.65
N ARG C 149 17.38 -13.84 11.57
CA ARG C 149 16.19 -13.01 11.68
C ARG C 149 16.67 -11.57 11.79
N ILE C 150 16.17 -10.71 10.91
CA ILE C 150 16.40 -9.28 11.04
C ILE C 150 15.06 -8.62 11.27
N VAL C 151 14.93 -7.88 12.38
CA VAL C 151 13.74 -7.08 12.63
C VAL C 151 14.12 -5.61 12.63
N ASN C 152 13.64 -4.89 11.62
CA ASN C 152 13.70 -3.44 11.56
C ASN C 152 12.46 -2.86 12.23
N PHE C 153 12.56 -1.62 12.63
CA PHE C 153 11.44 -0.93 13.24
C PHE C 153 10.87 0.05 12.23
N ALA C 154 9.67 -0.23 11.75
CA ALA C 154 8.95 0.76 10.96
C ALA C 154 8.22 1.65 11.95
N SER C 155 7.18 2.33 11.49
CA SER C 155 6.55 3.40 12.23
C SER C 155 5.20 3.65 11.61
N LEU C 156 4.34 4.36 12.33
CA LEU C 156 3.17 4.92 11.66
C LEU C 156 3.59 5.92 10.58
N GLN C 157 4.75 6.59 10.76
CA GLN C 157 5.25 7.53 9.78
C GLN C 157 5.95 6.83 8.60
N THR C 158 5.88 5.51 8.54
CA THR C 158 6.21 4.84 7.28
C THR C 158 5.22 5.22 6.19
N THR C 159 3.96 5.49 6.56
CA THR C 159 2.90 5.82 5.62
C THR C 159 2.12 7.11 5.93
N ARG C 160 2.23 7.69 7.12
CA ARG C 160 1.39 8.83 7.49
C ARG C 160 2.28 9.93 8.05
N ALA C 161 2.20 11.13 7.46
CA ALA C 161 3.05 12.25 7.88
C ALA C 161 2.45 12.94 9.10
N PHE C 162 3.21 12.98 10.22
CA PHE C 162 2.79 13.67 11.43
C PHE C 162 3.58 14.97 11.57
N PRO C 163 3.04 15.96 12.27
CA PRO C 163 3.78 17.20 12.53
C PRO C 163 5.19 16.95 13.07
N GLY C 164 6.15 17.69 12.50
CA GLY C 164 7.53 17.59 12.92
C GLY C 164 8.27 16.32 12.52
N GLY C 165 7.76 15.54 11.57
CA GLY C 165 8.41 14.27 11.31
C GLY C 165 9.07 14.06 9.95
N ILE C 166 9.44 15.13 9.24
CA ILE C 166 9.83 14.97 7.83
C ILE C 166 11.08 14.09 7.70
N ALA C 167 12.13 14.36 8.47
CA ALA C 167 13.33 13.50 8.41
C ALA C 167 13.02 12.09 8.90
N TYR C 168 12.37 12.00 10.06
CA TYR C 168 11.99 10.71 10.61
C TYR C 168 11.14 9.93 9.61
N GLY C 169 10.13 10.58 9.04
CA GLY C 169 9.30 9.92 8.04
C GLY C 169 10.08 9.46 6.83
N ALA C 170 11.00 10.30 6.35
CA ALA C 170 11.82 9.89 5.23
C ALA C 170 12.52 8.57 5.54
N THR C 171 13.13 8.48 6.74
CA THR C 171 13.87 7.26 7.08
C THR C 171 12.94 6.07 7.33
N LYS C 172 11.73 6.31 7.80
CA LYS C 172 10.84 5.18 8.09
C LYS C 172 10.14 4.68 6.83
N GLY C 173 9.87 5.56 5.86
CA GLY C 173 9.55 5.09 4.54
C GLY C 173 10.70 4.33 3.92
N GLY C 174 11.94 4.82 4.16
CA GLY C 174 13.11 4.10 3.68
C GLY C 174 13.24 2.72 4.27
N ILE C 175 12.92 2.58 5.58
CA ILE C 175 13.07 1.30 6.27
C ILE C 175 12.19 0.22 5.64
N ALA C 176 11.00 0.58 5.19
CA ALA C 176 10.12 -0.39 4.52
C ALA C 176 10.78 -1.00 3.28
N GLN C 177 11.24 -0.16 2.35
CA GLN C 177 11.87 -0.71 1.16
C GLN C 177 13.22 -1.34 1.48
N LEU C 178 13.93 -0.80 2.47
CA LEU C 178 15.18 -1.42 2.89
C LEU C 178 14.95 -2.84 3.39
N THR C 179 13.87 -3.04 4.16
CA THR C 179 13.52 -4.38 4.62
C THR C 179 13.22 -5.30 3.45
N ARG C 180 12.45 -4.81 2.46
CA ARG C 180 12.22 -5.59 1.24
C ARG C 180 13.54 -5.92 0.52
N ALA C 181 14.44 -4.94 0.40
CA ALA C 181 15.71 -5.16 -0.27
C ALA C 181 16.56 -6.19 0.47
N MET C 182 16.55 -6.14 1.82
CA MET C 182 17.28 -7.11 2.63
C MET C 182 16.74 -8.50 2.43
N ALA C 183 15.41 -8.62 2.34
CA ALA C 183 14.79 -9.89 2.00
C ALA C 183 15.29 -10.38 0.64
N GLU C 184 15.28 -9.51 -0.36
CA GLU C 184 15.66 -9.92 -1.72
C GLU C 184 17.11 -10.38 -1.76
N ALA C 185 17.97 -9.73 -0.99
CA ALA C 185 19.39 -10.06 -0.98
C ALA C 185 19.68 -11.33 -0.19
N TRP C 186 19.07 -11.50 0.99
CA TRP C 186 19.57 -12.45 1.97
C TRP C 186 18.62 -13.59 2.30
N SER C 187 17.30 -13.48 1.99
CA SER C 187 16.41 -14.57 2.36
C SER C 187 16.70 -15.89 1.66
N PRO C 188 17.35 -15.94 0.50
CA PRO C 188 17.72 -17.26 -0.06
C PRO C 188 18.66 -18.05 0.83
N ASP C 189 19.34 -17.40 1.77
CA ASP C 189 20.31 -18.04 2.64
C ASP C 189 19.72 -18.37 4.02
N GLY C 190 18.40 -18.29 4.14
CA GLY C 190 17.75 -18.56 5.41
C GLY C 190 17.63 -17.37 6.35
N ILE C 191 17.93 -16.16 5.89
CA ILE C 191 17.82 -14.95 6.71
C ILE C 191 16.55 -14.19 6.31
N THR C 192 15.57 -14.13 7.20
CA THR C 192 14.40 -13.31 6.92
C THR C 192 14.62 -11.89 7.45
N ALA C 193 13.92 -10.94 6.82
CA ALA C 193 14.00 -9.54 7.20
C ALA C 193 12.61 -8.97 7.13
N ASN C 194 12.11 -8.49 8.27
CA ASN C 194 10.79 -7.94 8.36
C ASN C 194 10.89 -6.69 9.22
N ALA C 195 9.87 -5.87 9.16
CA ALA C 195 9.86 -4.66 9.95
C ALA C 195 8.61 -4.67 10.78
N ILE C 196 8.77 -4.43 12.06
CA ILE C 196 7.64 -4.30 12.97
C ILE C 196 7.36 -2.81 13.12
N GLY C 197 6.08 -2.43 13.01
CA GLY C 197 5.67 -1.04 13.08
C GLY C 197 4.78 -0.71 14.26
N PRO C 198 5.40 -0.37 15.40
CA PRO C 198 4.62 0.02 16.58
C PRO C 198 3.78 1.26 16.32
N GLY C 199 2.60 1.29 16.92
CA GLY C 199 1.89 2.54 17.05
C GLY C 199 2.49 3.35 18.19
N PHE C 200 1.63 3.99 18.98
CA PHE C 200 2.07 4.84 20.08
C PHE C 200 2.19 4.03 21.37
N PHE C 201 3.41 3.82 21.83
CA PHE C 201 3.75 3.21 23.10
C PHE C 201 4.48 4.24 23.97
N PRO C 202 4.47 4.05 25.29
CA PRO C 202 5.30 4.93 26.12
C PRO C 202 6.77 4.53 26.06
N THR C 203 7.58 5.28 25.30
CA THR C 203 8.96 4.93 25.01
C THR C 203 9.84 6.18 25.00
N GLU C 204 11.12 5.97 24.68
CA GLU C 204 12.04 7.08 24.48
C GLU C 204 11.53 8.06 23.43
N LEU C 205 11.08 7.55 22.29
CA LEU C 205 10.69 8.35 21.13
C LEU C 205 9.29 8.94 21.20
N THR C 206 8.47 8.56 22.16
CA THR C 206 7.09 9.05 22.19
C THR C 206 6.73 9.82 23.46
N ALA C 207 7.69 10.21 24.29
CA ALA C 207 7.18 10.79 25.51
C ALA C 207 6.71 12.23 25.33
N ALA C 208 7.24 12.99 24.36
CA ALA C 208 6.56 14.26 24.02
C ALA C 208 5.11 14.01 23.69
N VAL C 209 4.81 12.83 23.12
CA VAL C 209 3.45 12.43 22.79
C VAL C 209 2.69 11.91 24.00
N PHE C 210 3.34 11.10 24.84
CA PHE C 210 2.61 10.45 25.93
C PHE C 210 2.51 11.35 27.11
N GLU C 211 3.14 12.51 26.96
CA GLU C 211 3.34 13.53 27.95
C GLU C 211 2.21 14.54 27.99
N ASP C 212 1.49 14.58 26.90
CA ASP C 212 0.35 15.43 26.62
C ASP C 212 -0.87 14.53 26.66
N ASP C 213 -1.60 14.59 27.79
CA ASP C 213 -2.72 13.67 28.00
C ASP C 213 -3.76 13.78 26.90
N ALA C 214 -4.09 14.99 26.46
CA ALA C 214 -5.10 15.13 25.42
C ALA C 214 -4.63 14.50 24.12
N ARG C 215 -3.35 14.67 23.76
CA ARG C 215 -2.86 14.09 22.52
C ARG C 215 -2.84 12.57 22.61
N ALA C 216 -2.49 12.04 23.78
CA ALA C 216 -2.53 10.60 23.98
C ALA C 216 -3.95 10.07 23.82
N ALA C 217 -4.94 10.83 24.30
CA ALA C 217 -6.34 10.41 24.16
C ALA C 217 -6.81 10.47 22.70
N ARG C 218 -6.42 11.51 21.97
CA ARG C 218 -6.73 11.59 20.55
C ARG C 218 -6.12 10.40 19.79
N ASN C 219 -4.82 10.15 20.02
CA ASN C 219 -4.16 9.01 19.39
C ASN C 219 -4.85 7.70 19.75
N ALA C 220 -5.26 7.54 21.02
CA ALA C 220 -5.94 6.32 21.43
C ALA C 220 -7.28 6.16 20.71
N ALA C 221 -8.00 7.26 20.51
CA ALA C 221 -9.28 7.20 19.81
C ALA C 221 -9.10 6.90 18.32
N GLN C 222 -7.93 7.20 17.76
CA GLN C 222 -7.70 6.91 16.35
C GLN C 222 -7.50 5.42 16.07
N THR C 223 -7.17 4.61 17.08
CA THR C 223 -7.06 3.17 16.87
C THR C 223 -8.44 2.53 16.76
N CYS C 224 -8.47 1.31 16.21
CA CYS C 224 -9.71 0.54 16.22
C CYS C 224 -10.06 0.07 17.62
N ILE C 225 -9.07 -0.34 18.41
CA ILE C 225 -9.33 -0.88 19.73
C ILE C 225 -9.79 0.21 20.68
N GLY C 226 -9.17 1.38 20.61
CA GLY C 226 -9.50 2.50 21.46
C GLY C 226 -8.49 2.77 22.56
N ARG C 227 -7.28 2.23 22.47
CA ARG C 227 -6.22 2.44 23.46
C ARG C 227 -4.88 2.56 22.74
N ASN C 228 -3.93 3.17 23.43
CA ASN C 228 -2.53 3.16 23.04
C ASN C 228 -1.89 1.83 23.44
N GLY C 229 -0.67 1.60 22.98
CA GLY C 229 0.01 0.36 23.30
C GLY C 229 0.60 0.35 24.70
N THR C 230 0.68 -0.83 25.30
CA THR C 230 1.55 -1.09 26.44
C THR C 230 2.66 -2.02 25.98
N LEU C 231 3.78 -2.01 26.72
CA LEU C 231 4.99 -2.69 26.26
C LEU C 231 4.74 -4.17 25.98
N SER C 232 3.93 -4.81 26.83
CA SER C 232 3.61 -6.22 26.66
C SER C 232 2.98 -6.52 25.30
N ASP C 233 2.26 -5.56 24.71
CA ASP C 233 1.72 -5.71 23.36
C ASP C 233 2.78 -6.13 22.33
N MET C 234 4.04 -5.77 22.56
CA MET C 234 5.08 -6.08 21.59
C MET C 234 5.69 -7.47 21.76
N ASP C 235 5.35 -8.19 22.84
CA ASP C 235 6.03 -9.45 23.15
C ASP C 235 5.78 -10.53 22.09
N GLY C 236 4.51 -10.80 21.80
CA GLY C 236 4.13 -11.75 20.78
C GLY C 236 4.64 -11.44 19.37
N PRO C 237 4.41 -10.22 18.89
CA PRO C 237 4.93 -9.88 17.56
C PRO C 237 6.44 -10.04 17.47
N ILE C 238 7.19 -9.48 18.41
CA ILE C 238 8.65 -9.61 18.40
C ILE C 238 9.05 -11.07 18.33
N LEU C 239 8.46 -11.88 19.23
CA LEU C 239 8.76 -13.31 19.23
C LEU C 239 8.40 -13.94 17.89
N PHE C 240 7.20 -13.60 17.38
CA PHE C 240 6.77 -14.10 16.07
C PHE C 240 7.84 -13.86 15.03
N LEU C 241 8.38 -12.63 14.99
CA LEU C 241 9.29 -12.32 13.90
C LEU C 241 10.70 -12.87 14.13
N CYS C 242 11.01 -13.32 15.33
CA CYS C 242 12.39 -13.72 15.63
C CYS C 242 12.58 -15.23 15.70
N SER C 243 11.55 -16.02 15.42
CA SER C 243 11.54 -17.45 15.71
C SER C 243 11.31 -18.25 14.43
N ASP C 244 11.31 -19.58 14.59
CA ASP C 244 10.96 -20.47 13.48
C ASP C 244 9.54 -20.22 12.98
N ALA C 245 8.66 -19.67 13.83
CA ALA C 245 7.27 -19.48 13.45
C ALA C 245 7.12 -18.63 12.20
N SER C 246 8.07 -17.75 11.92
CA SER C 246 7.96 -16.82 10.80
C SER C 246 8.86 -17.21 9.63
N ALA C 247 9.16 -18.51 9.49
CA ALA C 247 10.14 -18.92 8.48
C ALA C 247 9.75 -18.48 7.07
N TYR C 248 8.46 -18.42 6.75
CA TYR C 248 8.04 -18.07 5.40
C TYR C 248 7.46 -16.64 5.31
N VAL C 249 7.74 -15.81 6.31
CA VAL C 249 7.38 -14.39 6.29
C VAL C 249 8.67 -13.61 6.09
N THR C 250 8.80 -12.94 4.96
CA THR C 250 9.98 -12.11 4.81
C THR C 250 9.64 -10.93 3.90
N GLY C 251 10.33 -9.82 4.15
CA GLY C 251 10.05 -8.57 3.48
C GLY C 251 8.72 -7.92 3.79
N GLN C 252 8.18 -8.15 5.00
CA GLN C 252 6.88 -7.63 5.39
C GLN C 252 7.00 -6.53 6.46
N VAL C 253 6.02 -5.64 6.45
CA VAL C 253 5.81 -4.67 7.51
C VAL C 253 4.62 -5.16 8.33
N LEU C 254 4.83 -5.37 9.62
CA LEU C 254 3.76 -5.80 10.53
C LEU C 254 3.49 -4.66 11.50
N MET C 255 2.33 -3.99 11.33
CA MET C 255 1.93 -2.89 12.20
C MET C 255 1.36 -3.44 13.50
N VAL C 256 1.86 -2.96 14.63
CA VAL C 256 1.34 -3.34 15.94
C VAL C 256 0.81 -2.07 16.57
N ASP C 257 -0.41 -1.67 16.17
CA ASP C 257 -0.86 -0.29 16.36
C ASP C 257 -2.35 -0.19 16.73
N GLY C 258 -2.97 -1.28 17.18
CA GLY C 258 -4.38 -1.28 17.54
C GLY C 258 -5.33 -0.88 16.43
N GLY C 259 -4.91 -1.01 15.17
CA GLY C 259 -5.77 -0.58 14.08
C GLY C 259 -5.66 0.89 13.72
N PHE C 260 -4.68 1.61 14.26
CA PHE C 260 -4.44 2.99 13.84
C PHE C 260 -4.48 3.14 12.31
N THR C 261 -3.80 2.24 11.61
CA THR C 261 -3.72 2.34 10.15
C THR C 261 -4.97 1.83 9.45
N ALA C 262 -5.85 1.12 10.15
CA ALA C 262 -7.08 0.65 9.52
C ALA C 262 -8.17 1.72 9.41
N LYS C 263 -7.99 2.88 10.05
CA LYS C 263 -9.01 3.92 10.07
C LYS C 263 -8.55 5.24 9.43
N HIS D 16 -6.64 25.67 -20.80
CA HIS D 16 -6.82 26.37 -19.54
C HIS D 16 -6.11 25.62 -18.40
N LEU D 17 -6.59 24.41 -18.12
CA LEU D 17 -6.17 23.71 -16.91
C LEU D 17 -4.70 23.29 -16.97
N PHE D 18 -4.18 23.00 -18.15
CA PHE D 18 -2.83 22.51 -18.31
C PHE D 18 -1.89 23.55 -18.88
N ASP D 19 -2.31 24.81 -18.90
CA ASP D 19 -1.50 25.90 -19.41
C ASP D 19 -0.53 26.38 -18.33
N LEU D 20 0.75 26.43 -18.67
CA LEU D 20 1.79 26.84 -17.73
C LEU D 20 2.38 28.21 -18.07
N SER D 21 1.71 29.00 -18.90
CA SER D 21 2.16 30.34 -19.21
C SER D 21 2.28 31.19 -17.95
N GLY D 22 3.38 31.92 -17.82
CA GLY D 22 3.66 32.76 -16.66
C GLY D 22 4.30 32.03 -15.50
N LYS D 23 4.60 30.76 -15.67
CA LYS D 23 5.17 29.93 -14.63
C LYS D 23 6.64 29.63 -14.91
N VAL D 24 7.42 29.45 -13.85
CA VAL D 24 8.82 29.08 -13.95
C VAL D 24 9.01 27.71 -13.32
N ALA D 25 9.68 26.82 -14.05
CA ALA D 25 9.99 25.47 -13.60
C ALA D 25 11.50 25.30 -13.53
N CYS D 26 11.97 24.67 -12.45
CA CYS D 26 13.32 24.15 -12.36
C CYS D 26 13.29 22.63 -12.44
N ILE D 27 14.11 22.05 -13.31
CA ILE D 27 14.21 20.60 -13.48
C ILE D 27 15.65 20.18 -13.22
N THR D 28 15.85 19.35 -12.20
CA THR D 28 17.16 18.76 -11.98
C THR D 28 17.33 17.51 -12.83
N GLY D 29 18.58 17.11 -13.02
CA GLY D 29 18.86 16.02 -13.93
C GLY D 29 18.39 16.27 -15.34
N ALA D 30 18.42 17.54 -15.78
CA ALA D 30 17.73 17.94 -17.00
C ALA D 30 18.52 17.65 -18.27
N SER D 31 19.73 17.11 -18.15
CA SER D 31 20.55 16.96 -19.35
C SER D 31 20.32 15.65 -20.07
N SER D 32 19.58 14.72 -19.48
CA SER D 32 19.34 13.43 -20.12
C SER D 32 18.01 12.87 -19.66
N GLY D 33 17.54 11.87 -20.41
CA GLY D 33 16.38 11.05 -20.02
C GLY D 33 15.15 11.81 -19.57
N LEU D 34 14.65 11.44 -18.38
CA LEU D 34 13.33 11.90 -17.98
C LEU D 34 13.34 13.37 -17.60
N GLY D 35 14.40 13.84 -16.93
CA GLY D 35 14.51 15.27 -16.67
C GLY D 35 14.55 16.10 -17.94
N ARG D 36 15.30 15.63 -18.95
CA ARG D 36 15.33 16.34 -20.23
C ARG D 36 13.94 16.44 -20.84
N ARG D 37 13.23 15.30 -20.93
CA ARG D 37 11.89 15.32 -21.53
C ARG D 37 10.91 16.15 -20.70
N ALA D 38 11.04 16.10 -19.38
CA ALA D 38 10.20 16.94 -18.52
C ALA D 38 10.39 18.41 -18.83
N ALA D 39 11.65 18.84 -18.99
CA ALA D 39 11.90 20.24 -19.36
C ALA D 39 11.27 20.56 -20.71
N LEU D 40 11.41 19.65 -21.68
CA LEU D 40 10.78 19.84 -22.99
C LEU D 40 9.26 20.02 -22.87
N THR D 41 8.61 19.14 -22.12
CA THR D 41 7.15 19.16 -21.97
C THR D 41 6.66 20.42 -21.26
N LEU D 42 7.32 20.80 -20.17
CA LEU D 42 6.89 22.00 -19.45
C LEU D 42 7.12 23.26 -20.28
N ALA D 43 8.24 23.32 -21.03
CA ALA D 43 8.46 24.44 -21.94
C ALA D 43 7.39 24.47 -23.04
N ALA D 44 7.04 23.31 -23.60
CA ALA D 44 5.99 23.29 -24.62
C ALA D 44 4.65 23.71 -24.06
N ALA D 45 4.45 23.58 -22.76
CA ALA D 45 3.22 24.01 -22.14
C ALA D 45 3.23 25.49 -21.76
N GLY D 46 4.28 26.22 -22.14
CA GLY D 46 4.35 27.65 -21.90
C GLY D 46 5.19 28.07 -20.72
N ALA D 47 5.80 27.13 -20.00
CA ALA D 47 6.63 27.49 -18.86
C ALA D 47 8.01 27.94 -19.31
N LYS D 48 8.60 28.88 -18.56
CA LYS D 48 10.04 29.07 -18.62
C LYS D 48 10.71 27.98 -17.78
N VAL D 49 11.77 27.37 -18.32
CA VAL D 49 12.40 26.23 -17.66
C VAL D 49 13.87 26.53 -17.39
N VAL D 50 14.34 26.11 -16.22
CA VAL D 50 15.75 26.12 -15.83
C VAL D 50 16.20 24.68 -15.70
N GLY D 51 17.04 24.22 -16.63
CA GLY D 51 17.62 22.89 -16.53
C GLY D 51 18.88 22.90 -15.69
N VAL D 52 18.96 21.98 -14.74
CA VAL D 52 20.09 21.85 -13.82
C VAL D 52 20.81 20.56 -14.14
N ALA D 53 22.12 20.64 -14.29
CA ALA D 53 22.91 19.42 -14.47
C ALA D 53 24.38 19.71 -14.14
N ARG D 54 25.18 18.65 -14.11
CA ARG D 54 26.61 18.78 -13.82
C ARG D 54 27.41 19.33 -15.00
N ARG D 55 27.03 18.96 -16.24
CA ARG D 55 27.86 19.21 -17.40
C ARG D 55 27.16 20.14 -18.39
N ALA D 56 27.85 21.21 -18.77
CA ALA D 56 27.19 22.29 -19.49
C ALA D 56 26.70 21.83 -20.85
N ASP D 57 27.45 20.94 -21.50
CA ASP D 57 27.36 20.89 -22.96
C ASP D 57 25.97 20.32 -23.35
N ALA D 58 25.51 19.29 -22.63
CA ALA D 58 24.17 18.73 -22.82
C ALA D 58 23.08 19.73 -22.45
N LEU D 59 23.29 20.51 -21.39
CA LEU D 59 22.33 21.56 -21.05
C LEU D 59 22.19 22.56 -22.19
N ASP D 60 23.30 22.89 -22.85
CA ASP D 60 23.22 23.83 -23.98
C ASP D 60 22.49 23.20 -25.16
N ASN D 61 22.74 21.91 -25.42
CA ASN D 61 21.95 21.22 -26.44
C ASN D 61 20.46 21.33 -26.15
N LEU D 62 20.05 21.01 -24.92
CA LEU D 62 18.65 21.07 -24.54
C LEU D 62 18.09 22.48 -24.71
N CYS D 63 18.84 23.49 -24.25
CA CYS D 63 18.40 24.88 -24.37
C CYS D 63 18.25 25.30 -25.83
N ALA D 64 19.15 24.80 -26.69
CA ALA D 64 19.05 25.09 -28.11
C ALA D 64 17.77 24.50 -28.69
N GLU D 65 17.46 23.26 -28.32
CA GLU D 65 16.21 22.66 -28.76
C GLU D 65 15.00 23.46 -28.27
N ILE D 66 15.06 23.98 -27.04
CA ILE D 66 13.89 24.67 -26.51
C ILE D 66 13.84 26.12 -26.99
N GLY D 67 14.98 26.80 -27.00
CA GLY D 67 15.03 28.21 -27.33
C GLY D 67 15.05 29.12 -26.13
N PRO D 68 14.61 30.37 -26.30
CA PRO D 68 14.83 31.39 -25.27
C PRO D 68 14.03 31.19 -23.99
N ALA D 69 13.08 30.26 -23.96
CA ALA D 69 12.40 29.96 -22.70
C ALA D 69 13.22 29.07 -21.78
N ALA D 70 14.33 28.53 -22.26
CA ALA D 70 15.17 27.63 -21.47
C ALA D 70 16.45 28.35 -21.03
N ALA D 71 16.78 28.19 -19.76
CA ALA D 71 18.09 28.56 -19.24
C ALA D 71 18.75 27.33 -18.63
N ALA D 72 20.07 27.36 -18.55
CA ALA D 72 20.87 26.24 -18.05
C ALA D 72 21.65 26.65 -16.82
N VAL D 73 21.66 25.80 -15.81
CA VAL D 73 22.46 25.99 -14.61
C VAL D 73 23.30 24.74 -14.38
N VAL D 74 24.60 24.93 -14.24
CA VAL D 74 25.53 23.85 -13.95
C VAL D 74 25.72 23.78 -12.44
N ALA D 75 25.38 22.65 -11.84
CA ALA D 75 25.51 22.54 -10.38
C ALA D 75 25.44 21.09 -9.98
N ASP D 76 26.09 20.77 -8.86
CA ASP D 76 25.94 19.50 -8.18
C ASP D 76 24.92 19.70 -7.06
N VAL D 77 23.67 19.31 -7.32
CA VAL D 77 22.61 19.58 -6.35
C VAL D 77 22.74 18.78 -5.07
N ALA D 78 23.60 17.75 -5.04
CA ALA D 78 23.85 17.05 -3.79
C ALA D 78 24.87 17.77 -2.91
N SER D 79 25.58 18.76 -3.45
CA SER D 79 26.63 19.45 -2.72
C SER D 79 26.03 20.40 -1.68
N ARG D 80 26.40 20.21 -0.42
CA ARG D 80 25.90 21.07 0.65
C ARG D 80 26.47 22.48 0.51
N ASP D 81 27.78 22.59 0.32
CA ASP D 81 28.41 23.90 0.09
C ASP D 81 27.76 24.66 -1.07
N GLY D 82 27.38 23.94 -2.13
CA GLY D 82 26.85 24.59 -3.32
C GLY D 82 25.43 25.09 -3.23
N LEU D 83 24.67 24.75 -2.17
CA LEU D 83 23.23 24.94 -2.20
C LEU D 83 22.85 26.40 -2.41
N GLU D 84 23.41 27.31 -1.61
CA GLU D 84 23.06 28.73 -1.71
C GLU D 84 23.29 29.27 -3.12
N ARG D 85 24.47 29.01 -3.68
CA ARG D 85 24.77 29.49 -5.02
C ARG D 85 23.91 28.80 -6.08
N THR D 86 23.70 27.48 -5.94
CA THR D 86 22.80 26.76 -6.86
C THR D 86 21.43 27.41 -6.89
N VAL D 87 20.91 27.77 -5.72
CA VAL D 87 19.60 28.40 -5.62
C VAL D 87 19.60 29.76 -6.31
N ALA D 88 20.65 30.56 -6.06
CA ALA D 88 20.75 31.86 -6.71
C ALA D 88 20.78 31.73 -8.23
N ASP D 89 21.62 30.82 -8.75
CA ASP D 89 21.76 30.66 -10.19
C ASP D 89 20.46 30.16 -10.82
N ILE D 90 19.75 29.25 -10.15
CA ILE D 90 18.44 28.82 -10.65
C ILE D 90 17.49 30.00 -10.71
N SER D 91 17.49 30.84 -9.67
CA SER D 91 16.56 31.96 -9.65
C SER D 91 16.94 33.09 -10.60
N ALA D 92 18.18 33.11 -11.12
CA ALA D 92 18.65 34.30 -11.84
C ALA D 92 17.90 34.55 -13.16
N PRO D 93 17.85 33.60 -14.11
CA PRO D 93 17.30 33.95 -15.44
C PRO D 93 15.83 34.39 -15.45
N PHE D 94 14.95 33.67 -14.77
CA PHE D 94 13.52 33.91 -14.90
C PHE D 94 12.84 34.26 -13.58
N GLY D 95 13.60 34.45 -12.50
CA GLY D 95 12.99 34.62 -11.20
C GLY D 95 12.87 33.30 -10.45
N ALA D 96 12.26 33.39 -9.28
CA ALA D 96 12.09 32.21 -8.43
C ALA D 96 11.18 31.19 -9.10
N PRO D 97 11.55 29.91 -9.12
CA PRO D 97 10.68 28.92 -9.75
C PRO D 97 9.41 28.65 -8.94
N ASP D 98 8.35 28.37 -9.69
CA ASP D 98 7.07 27.94 -9.14
C ASP D 98 6.96 26.41 -9.11
N ILE D 99 7.69 25.75 -10.00
CA ILE D 99 7.59 24.31 -10.19
C ILE D 99 8.98 23.72 -10.02
N LEU D 100 9.08 22.60 -9.32
CA LEU D 100 10.36 21.97 -9.07
C LEU D 100 10.19 20.49 -9.40
N VAL D 101 10.96 20.01 -10.36
CA VAL D 101 10.95 18.61 -10.77
C VAL D 101 12.32 18.01 -10.45
N HIS D 102 12.36 17.09 -9.48
CA HIS D 102 13.62 16.52 -9.00
C HIS D 102 13.90 15.21 -9.73
N ALA D 103 14.36 15.32 -10.97
CA ALA D 103 14.66 14.14 -11.77
C ALA D 103 16.10 13.67 -11.65
N ALA D 104 16.95 14.39 -10.94
CA ALA D 104 18.30 13.90 -10.71
C ALA D 104 18.29 12.74 -9.71
N GLY D 105 19.00 11.65 -10.06
CA GLY D 105 19.10 10.47 -9.20
C GLY D 105 20.27 9.60 -9.63
N VAL D 106 20.65 8.67 -8.78
CA VAL D 106 21.69 7.69 -9.09
C VAL D 106 21.32 6.31 -8.54
N ASN D 107 21.66 5.27 -9.30
CA ASN D 107 21.61 3.90 -8.81
C ASN D 107 22.98 3.28 -9.04
N THR D 108 23.75 3.09 -7.94
CA THR D 108 25.09 2.52 -8.04
C THR D 108 25.07 1.04 -8.44
N ARG D 109 23.93 0.35 -8.26
CA ARG D 109 23.78 -1.07 -8.57
C ARG D 109 24.61 -1.98 -7.67
N GLU D 110 25.12 -1.48 -6.54
CA GLU D 110 25.84 -2.34 -5.59
C GLU D 110 24.86 -3.24 -4.86
N ALA D 111 25.04 -4.55 -5.01
CA ALA D 111 24.25 -5.50 -4.23
C ALA D 111 24.61 -5.36 -2.75
N ALA D 112 23.73 -5.89 -1.89
CA ALA D 112 23.83 -5.68 -0.43
C ALA D 112 25.21 -6.00 0.14
N ASP D 113 25.75 -7.19 -0.15
CA ASP D 113 27.03 -7.57 0.41
C ASP D 113 28.21 -6.88 -0.24
N ASP D 114 28.00 -6.10 -1.30
CA ASP D 114 29.05 -5.32 -1.92
C ASP D 114 28.93 -3.82 -1.68
N VAL D 115 27.96 -3.37 -0.89
CA VAL D 115 27.75 -1.94 -0.73
C VAL D 115 28.95 -1.31 -0.05
N THR D 116 29.41 -0.19 -0.59
CA THR D 116 30.46 0.59 0.03
C THR D 116 29.86 1.81 0.71
N PHE D 117 30.61 2.35 1.69
CA PHE D 117 30.21 3.59 2.34
C PHE D 117 29.92 4.68 1.32
N ASN D 118 30.79 4.81 0.31
CA ASN D 118 30.67 5.92 -0.63
C ASN D 118 29.49 5.74 -1.58
N GLY D 119 29.26 4.52 -2.09
CA GLY D 119 28.10 4.30 -2.93
C GLY D 119 26.80 4.58 -2.19
N TRP D 120 26.70 4.04 -0.97
CA TRP D 120 25.54 4.31 -0.12
C TRP D 120 25.35 5.81 0.12
N ASP D 121 26.42 6.50 0.57
CA ASP D 121 26.31 7.92 0.91
C ASP D 121 25.94 8.76 -0.31
N GLN D 122 26.50 8.45 -1.49
CA GLN D 122 26.17 9.26 -2.65
C GLN D 122 24.71 9.03 -3.07
N THR D 123 24.21 7.80 -2.92
CA THR D 123 22.80 7.54 -3.23
C THR D 123 21.87 8.30 -2.30
N LEU D 124 22.13 8.24 -0.98
CA LEU D 124 21.27 8.99 -0.06
C LEU D 124 21.37 10.49 -0.29
N ALA D 125 22.59 11.00 -0.52
CA ALA D 125 22.75 12.45 -0.72
C ALA D 125 21.99 12.94 -1.95
N LEU D 126 22.06 12.22 -3.06
CA LEU D 126 21.39 12.73 -4.27
C LEU D 126 19.89 12.43 -4.30
N ASN D 127 19.47 11.23 -3.90
CA ASN D 127 18.09 10.81 -4.10
C ASN D 127 17.14 11.28 -3.01
N LEU D 128 17.63 11.49 -1.80
CA LEU D 128 16.78 11.81 -0.65
C LEU D 128 17.07 13.18 -0.08
N SER D 129 18.33 13.48 0.27
CA SER D 129 18.64 14.73 0.95
C SER D 129 18.54 15.92 0.00
N ALA D 130 19.09 15.78 -1.21
CA ALA D 130 19.03 16.88 -2.17
C ALA D 130 17.62 17.34 -2.46
N PRO D 131 16.65 16.47 -2.81
CA PRO D 131 15.30 17.00 -3.07
C PRO D 131 14.73 17.78 -1.90
N PHE D 132 14.99 17.32 -0.67
CA PHE D 132 14.45 18.01 0.49
C PHE D 132 15.04 19.40 0.64
N PHE D 133 16.37 19.50 0.67
CA PHE D 133 16.97 20.82 0.90
C PHE D 133 16.75 21.77 -0.29
N LEU D 134 16.73 21.27 -1.53
CA LEU D 134 16.40 22.15 -2.65
C LEU D 134 14.96 22.66 -2.56
N SER D 135 14.00 21.77 -2.29
CA SER D 135 12.62 22.20 -2.13
C SER D 135 12.49 23.22 -1.01
N LYS D 136 13.14 22.94 0.12
CA LYS D 136 13.08 23.80 1.29
C LYS D 136 13.58 25.19 0.95
N ALA D 137 14.66 25.28 0.17
CA ALA D 137 15.14 26.58 -0.28
C ALA D 137 14.12 27.30 -1.14
N PHE D 138 13.34 26.55 -1.95
CA PHE D 138 12.44 27.27 -2.86
C PHE D 138 11.04 27.53 -2.30
N VAL D 139 10.65 26.87 -1.22
CA VAL D 139 9.28 27.01 -0.70
C VAL D 139 8.89 28.44 -0.31
N PRO D 140 9.74 29.26 0.34
CA PRO D 140 9.28 30.61 0.74
C PRO D 140 8.69 31.45 -0.40
N GLU D 141 9.29 31.41 -1.59
CA GLU D 141 8.74 32.19 -2.69
C GLU D 141 7.43 31.61 -3.20
N MET D 142 7.30 30.28 -3.21
CA MET D 142 6.03 29.66 -3.60
C MET D 142 4.93 30.05 -2.62
N ARG D 143 5.24 29.99 -1.32
CA ARG D 143 4.30 30.36 -0.27
C ARG D 143 3.88 31.81 -0.39
N LYS D 144 4.82 32.71 -0.74
CA LYS D 144 4.46 34.10 -0.99
C LYS D 144 3.44 34.18 -2.11
N LYS D 145 3.69 33.43 -3.20
CA LYS D 145 2.73 33.38 -4.30
C LYS D 145 1.51 32.53 -3.97
N GLY D 146 1.57 31.71 -2.92
CA GLY D 146 0.45 30.84 -2.63
C GLY D 146 0.25 29.71 -3.62
N TRP D 147 1.28 29.36 -4.38
CA TRP D 147 1.15 28.35 -5.42
C TRP D 147 2.52 27.74 -5.67
N GLY D 148 2.56 26.40 -5.79
CA GLY D 148 3.80 25.66 -5.99
C GLY D 148 3.54 24.22 -6.36
N ARG D 149 4.46 23.62 -7.11
CA ARG D 149 4.37 22.22 -7.50
C ARG D 149 5.73 21.58 -7.24
N ILE D 150 5.76 20.52 -6.45
CA ILE D 150 6.96 19.71 -6.28
C ILE D 150 6.67 18.32 -6.84
N VAL D 151 7.49 17.88 -7.78
CA VAL D 151 7.42 16.52 -8.31
C VAL D 151 8.72 15.82 -7.97
N ASN D 152 8.63 14.84 -7.09
CA ASN D 152 9.70 13.91 -6.78
C ASN D 152 9.61 12.72 -7.71
N PHE D 153 10.72 12.01 -7.86
CA PHE D 153 10.73 10.81 -8.69
C PHE D 153 10.76 9.58 -7.79
N ALA D 154 9.65 8.86 -7.80
CA ALA D 154 9.60 7.56 -7.16
C ALA D 154 10.14 6.55 -8.16
N SER D 155 9.80 5.27 -7.98
CA SER D 155 10.43 4.20 -8.73
C SER D 155 9.59 2.94 -8.53
N LEU D 156 9.80 1.96 -9.43
CA LEU D 156 9.30 0.63 -9.16
C LEU D 156 9.92 0.09 -7.87
N GLN D 157 11.15 0.51 -7.56
CA GLN D 157 11.81 0.12 -6.32
C GLN D 157 11.35 0.95 -5.14
N THR D 158 10.32 1.78 -5.30
CA THR D 158 9.62 2.29 -4.13
C THR D 158 8.91 1.15 -3.40
N THR D 159 8.46 0.12 -4.13
CA THR D 159 7.76 -1.01 -3.52
C THR D 159 8.34 -2.38 -3.86
N ARG D 160 9.23 -2.49 -4.86
CA ARG D 160 9.69 -3.81 -5.31
C ARG D 160 11.21 -3.84 -5.38
N ALA D 161 11.83 -4.76 -4.64
CA ALA D 161 13.28 -4.84 -4.58
C ALA D 161 13.83 -5.60 -5.79
N PHE D 162 14.68 -4.93 -6.61
CA PHE D 162 15.34 -5.53 -7.76
C PHE D 162 16.80 -5.81 -7.43
N PRO D 163 17.42 -6.78 -8.12
CA PRO D 163 18.85 -7.06 -7.88
C PRO D 163 19.71 -5.80 -7.93
N GLY D 164 20.59 -5.68 -6.94
CA GLY D 164 21.49 -4.55 -6.88
C GLY D 164 20.89 -3.20 -6.50
N GLY D 165 19.68 -3.15 -5.95
CA GLY D 165 19.05 -1.87 -5.70
C GLY D 165 18.87 -1.45 -4.25
N ILE D 166 19.65 -2.00 -3.30
CA ILE D 166 19.32 -1.84 -1.88
C ILE D 166 19.39 -0.37 -1.45
N ALA D 167 20.48 0.34 -1.77
CA ALA D 167 20.56 1.76 -1.43
C ALA D 167 19.51 2.56 -2.19
N TYR D 168 19.42 2.29 -3.50
CA TYR D 168 18.45 2.97 -4.35
C TYR D 168 17.05 2.74 -3.82
N GLY D 169 16.71 1.49 -3.53
CA GLY D 169 15.41 1.20 -2.97
C GLY D 169 15.17 1.93 -1.66
N ALA D 170 16.18 1.98 -0.80
CA ALA D 170 16.02 2.69 0.45
C ALA D 170 15.61 4.13 0.18
N THR D 171 16.30 4.80 -0.74
CA THR D 171 15.99 6.20 -0.98
C THR D 171 14.64 6.39 -1.69
N LYS D 172 14.22 5.42 -2.50
CA LYS D 172 12.96 5.55 -3.24
C LYS D 172 11.75 5.22 -2.38
N GLY D 173 11.89 4.29 -1.43
CA GLY D 173 10.90 4.17 -0.37
C GLY D 173 10.88 5.41 0.49
N GLY D 174 12.07 6.01 0.74
CA GLY D 174 12.11 7.25 1.47
C GLY D 174 11.38 8.37 0.76
N ILE D 175 11.49 8.44 -0.58
CA ILE D 175 10.90 9.52 -1.36
C ILE D 175 9.37 9.54 -1.23
N ALA D 176 8.76 8.36 -1.13
CA ALA D 176 7.32 8.26 -0.91
C ALA D 176 6.87 8.96 0.38
N GLN D 177 7.48 8.60 1.51
CA GLN D 177 7.08 9.27 2.75
C GLN D 177 7.54 10.71 2.79
N LEU D 178 8.68 11.01 2.17
CA LEU D 178 9.12 12.38 2.08
C LEU D 178 8.11 13.23 1.32
N THR D 179 7.55 12.68 0.24
CA THR D 179 6.52 13.37 -0.53
C THR D 179 5.30 13.64 0.33
N ARG D 180 4.84 12.63 1.07
CA ARG D 180 3.75 12.85 2.02
C ARG D 180 4.10 13.92 3.05
N ALA D 181 5.32 13.88 3.60
CA ALA D 181 5.73 14.85 4.61
C ALA D 181 5.76 16.27 4.06
N MET D 182 6.25 16.44 2.83
CA MET D 182 6.26 17.75 2.19
C MET D 182 4.85 18.26 1.98
N ALA D 183 3.94 17.36 1.60
CA ALA D 183 2.53 17.74 1.50
C ALA D 183 2.00 18.20 2.86
N GLU D 184 2.29 17.44 3.93
CA GLU D 184 1.76 17.78 5.25
C GLU D 184 2.30 19.14 5.69
N ALA D 185 3.56 19.42 5.38
CA ALA D 185 4.15 20.68 5.81
C ALA D 185 3.66 21.86 4.96
N TRP D 186 3.58 21.69 3.63
CA TRP D 186 3.52 22.85 2.75
C TRP D 186 2.25 22.98 1.93
N SER D 187 1.43 21.92 1.82
CA SER D 187 0.23 22.05 1.03
C SER D 187 -0.79 23.06 1.57
N PRO D 188 -0.80 23.42 2.86
CA PRO D 188 -1.71 24.50 3.27
C PRO D 188 -1.41 25.82 2.60
N ASP D 189 -0.21 26.00 2.04
CA ASP D 189 0.19 27.27 1.45
C ASP D 189 0.05 27.28 -0.06
N GLY D 190 -0.63 26.28 -0.60
CA GLY D 190 -0.81 26.15 -2.03
C GLY D 190 0.27 25.37 -2.76
N ILE D 191 1.18 24.72 -2.06
CA ILE D 191 2.26 23.92 -2.66
C ILE D 191 1.86 22.46 -2.59
N THR D 192 1.58 21.85 -3.72
CA THR D 192 1.35 20.41 -3.71
C THR D 192 2.70 19.70 -3.88
N ALA D 193 2.76 18.47 -3.39
CA ALA D 193 3.96 17.66 -3.50
C ALA D 193 3.51 16.24 -3.82
N ASN D 194 3.94 15.76 -4.97
CA ASN D 194 3.58 14.45 -5.48
C ASN D 194 4.81 13.84 -6.08
N ALA D 195 4.76 12.55 -6.31
CA ALA D 195 5.88 11.83 -6.85
C ALA D 195 5.40 11.01 -8.02
N ILE D 196 6.10 11.11 -9.15
CA ILE D 196 5.84 10.26 -10.31
C ILE D 196 6.77 9.07 -10.20
N GLY D 197 6.24 7.87 -10.46
CA GLY D 197 7.04 6.67 -10.42
C GLY D 197 7.10 6.03 -11.79
N PRO D 198 8.06 6.44 -12.62
CA PRO D 198 8.25 5.80 -13.92
C PRO D 198 8.58 4.32 -13.79
N GLY D 199 8.09 3.53 -14.73
CA GLY D 199 8.61 2.19 -14.92
C GLY D 199 9.92 2.19 -15.70
N PHE D 200 10.08 1.23 -16.61
CA PHE D 200 11.32 1.10 -17.36
C PHE D 200 11.22 1.92 -18.65
N PHE D 201 12.06 2.97 -18.74
CA PHE D 201 12.25 3.91 -19.83
C PHE D 201 13.71 3.90 -20.27
N PRO D 202 14.00 4.13 -21.54
CA PRO D 202 15.39 4.33 -21.94
C PRO D 202 15.92 5.65 -21.38
N THR D 203 16.70 5.59 -20.30
CA THR D 203 17.17 6.78 -19.60
C THR D 203 18.63 6.57 -19.19
N GLU D 204 19.19 7.59 -18.55
CA GLU D 204 20.53 7.47 -17.96
C GLU D 204 20.58 6.31 -16.97
N LEU D 205 19.59 6.23 -16.10
CA LEU D 205 19.60 5.36 -14.95
C LEU D 205 19.28 3.92 -15.32
N THR D 206 18.90 3.71 -16.59
CA THR D 206 18.70 2.40 -17.18
C THR D 206 19.72 2.31 -18.30
N ALA D 207 19.43 1.49 -19.30
CA ALA D 207 20.34 1.08 -20.37
C ALA D 207 21.25 -0.04 -19.88
N ALA D 208 21.54 -0.17 -18.59
CA ALA D 208 21.99 -1.49 -18.15
C ALA D 208 20.89 -2.49 -18.43
N VAL D 209 19.64 -2.03 -18.34
CA VAL D 209 18.46 -2.83 -18.65
C VAL D 209 18.16 -2.83 -20.15
N PHE D 210 18.37 -1.70 -20.84
CA PHE D 210 17.97 -1.55 -22.25
C PHE D 210 19.04 -2.01 -23.25
N GLU D 211 20.27 -2.36 -22.76
CA GLU D 211 21.36 -3.17 -23.38
C GLU D 211 21.19 -4.65 -23.29
N ASP D 212 20.32 -5.09 -22.46
CA ASP D 212 20.02 -6.49 -22.37
C ASP D 212 18.65 -6.65 -22.99
N ASP D 213 18.64 -7.05 -24.27
CA ASP D 213 17.39 -7.17 -24.99
C ASP D 213 16.45 -8.14 -24.28
N ALA D 214 16.99 -9.26 -23.79
CA ALA D 214 16.15 -10.24 -23.11
C ALA D 214 15.53 -9.66 -21.84
N ARG D 215 16.30 -8.91 -21.04
CA ARG D 215 15.72 -8.36 -19.82
C ARG D 215 14.68 -7.30 -20.15
N ALA D 216 14.93 -6.51 -21.19
CA ALA D 216 13.93 -5.55 -21.61
C ALA D 216 12.65 -6.27 -22.02
N ALA D 217 12.77 -7.43 -22.66
CA ALA D 217 11.58 -8.19 -23.06
C ALA D 217 10.84 -8.73 -21.84
N ARG D 218 11.57 -9.25 -20.86
CA ARG D 218 10.93 -9.69 -19.62
C ARG D 218 10.20 -8.54 -18.94
N ASN D 219 10.88 -7.41 -18.77
CA ASN D 219 10.27 -6.24 -18.14
C ASN D 219 9.03 -5.77 -18.90
N ALA D 220 9.09 -5.78 -20.24
CA ALA D 220 7.92 -5.38 -21.01
C ALA D 220 6.77 -6.34 -20.78
N ALA D 221 7.07 -7.65 -20.70
CA ALA D 221 6.04 -8.63 -20.49
C ALA D 221 5.46 -8.56 -19.08
N GLN D 222 6.20 -7.97 -18.12
CA GLN D 222 5.68 -7.84 -16.77
C GLN D 222 4.62 -6.74 -16.66
N THR D 223 4.57 -5.80 -17.60
CA THR D 223 3.53 -4.78 -17.56
C THR D 223 2.18 -5.37 -18.00
N CYS D 224 1.11 -4.64 -17.68
CA CYS D 224 -0.19 -5.02 -18.22
C CYS D 224 -0.26 -4.75 -19.73
N ILE D 225 0.34 -3.66 -20.19
CA ILE D 225 0.22 -3.32 -21.60
C ILE D 225 1.05 -4.27 -22.46
N GLY D 226 2.24 -4.60 -22.00
CA GLY D 226 3.13 -5.47 -22.75
C GLY D 226 4.28 -4.74 -23.40
N ARG D 227 4.57 -3.52 -22.98
CA ARG D 227 5.67 -2.73 -23.53
C ARG D 227 6.32 -1.93 -22.41
N ASN D 228 7.58 -1.55 -22.63
CA ASN D 228 8.28 -0.58 -21.80
C ASN D 228 7.84 0.84 -22.19
N GLY D 229 8.21 1.81 -21.39
CA GLY D 229 7.83 3.17 -21.69
C GLY D 229 8.67 3.81 -22.79
N THR D 230 8.06 4.77 -23.49
CA THR D 230 8.79 5.72 -24.32
C THR D 230 8.69 7.10 -23.67
N LEU D 231 9.63 7.98 -24.03
CA LEU D 231 9.73 9.25 -23.31
C LEU D 231 8.43 10.04 -23.36
N SER D 232 7.75 10.02 -24.51
CA SER D 232 6.49 10.75 -24.67
C SER D 232 5.44 10.32 -23.64
N ASP D 233 5.49 9.07 -23.20
CA ASP D 233 4.59 8.57 -22.15
C ASP D 233 4.57 9.47 -20.92
N MET D 234 5.69 10.16 -20.62
CA MET D 234 5.78 10.96 -19.40
C MET D 234 5.24 12.38 -19.57
N ASP D 235 4.90 12.79 -20.80
CA ASP D 235 4.49 14.17 -21.05
C ASP D 235 3.22 14.51 -20.26
N GLY D 236 2.16 13.74 -20.48
CA GLY D 236 0.90 13.96 -19.79
C GLY D 236 0.98 13.93 -18.27
N PRO D 237 1.56 12.87 -17.71
CA PRO D 237 1.69 12.82 -16.24
C PRO D 237 2.44 14.02 -15.68
N ILE D 238 3.62 14.32 -16.26
CA ILE D 238 4.39 15.47 -15.79
C ILE D 238 3.53 16.72 -15.83
N LEU D 239 2.90 16.98 -16.96
CA LEU D 239 2.06 18.16 -17.08
C LEU D 239 0.94 18.14 -16.05
N PHE D 240 0.27 16.98 -15.90
CA PHE D 240 -0.78 16.83 -14.91
C PHE D 240 -0.31 17.30 -13.54
N LEU D 241 0.87 16.84 -13.11
CA LEU D 241 1.29 17.14 -11.75
C LEU D 241 1.87 18.54 -11.61
N CYS D 242 2.16 19.20 -12.71
CA CYS D 242 2.83 20.50 -12.62
C CYS D 242 1.89 21.67 -12.87
N SER D 243 0.60 21.42 -13.04
CA SER D 243 -0.37 22.40 -13.51
C SER D 243 -1.50 22.59 -12.50
N ASP D 244 -2.42 23.50 -12.86
CA ASP D 244 -3.65 23.70 -12.08
C ASP D 244 -4.53 22.45 -12.04
N ALA D 245 -4.39 21.55 -13.02
CA ALA D 245 -5.27 20.37 -13.09
C ALA D 245 -5.18 19.51 -11.83
N SER D 246 -4.04 19.53 -11.13
CA SER D 246 -3.80 18.66 -9.99
C SER D 246 -3.86 19.41 -8.66
N ALA D 247 -4.65 20.49 -8.61
CA ALA D 247 -4.66 21.33 -7.42
C ALA D 247 -5.07 20.56 -6.16
N TYR D 248 -5.95 19.56 -6.27
CA TYR D 248 -6.42 18.82 -5.11
C TYR D 248 -5.78 17.45 -4.99
N VAL D 249 -4.67 17.23 -5.71
CA VAL D 249 -3.88 16.03 -5.62
C VAL D 249 -2.59 16.39 -4.91
N THR D 250 -2.38 15.84 -3.73
CA THR D 250 -1.11 16.13 -3.07
C THR D 250 -0.74 14.96 -2.18
N GLY D 251 0.56 14.77 -2.03
CA GLY D 251 1.07 13.63 -1.29
C GLY D 251 0.82 12.28 -1.93
N GLN D 252 0.72 12.22 -3.27
CA GLN D 252 0.42 10.96 -3.95
C GLN D 252 1.65 10.45 -4.72
N VAL D 253 1.70 9.13 -4.87
CA VAL D 253 2.64 8.49 -5.80
C VAL D 253 1.84 8.07 -7.03
N LEU D 254 2.23 8.56 -8.19
CA LEU D 254 1.55 8.22 -9.44
C LEU D 254 2.49 7.36 -10.30
N MET D 255 2.18 6.07 -10.43
CA MET D 255 3.03 5.16 -11.20
C MET D 255 2.73 5.30 -12.69
N VAL D 256 3.76 5.51 -13.49
CA VAL D 256 3.64 5.60 -14.94
C VAL D 256 4.43 4.44 -15.51
N ASP D 257 3.83 3.24 -15.51
CA ASP D 257 4.60 2.01 -15.62
C ASP D 257 3.90 0.92 -16.43
N GLY D 258 2.85 1.28 -17.19
CA GLY D 258 2.11 0.32 -18.01
C GLY D 258 1.48 -0.83 -17.25
N GLY D 259 1.24 -0.69 -15.96
CA GLY D 259 0.70 -1.76 -15.15
C GLY D 259 1.70 -2.73 -14.57
N PHE D 260 2.99 -2.43 -14.63
CA PHE D 260 4.01 -3.23 -13.93
C PHE D 260 3.60 -3.55 -12.50
N THR D 261 3.13 -2.54 -11.76
CA THR D 261 2.78 -2.77 -10.38
C THR D 261 1.41 -3.41 -10.20
N ALA D 262 0.57 -3.44 -11.24
CA ALA D 262 -0.72 -4.09 -11.11
C ALA D 262 -0.65 -5.62 -11.21
N LYS D 263 0.50 -6.18 -11.59
CA LYS D 263 0.62 -7.63 -11.76
C LYS D 263 1.65 -8.25 -10.80
#